data_3CHG
#
_entry.id   3CHG
#
_cell.length_a   56.508
_cell.length_b   150.606
_cell.length_c   58.959
_cell.angle_alpha   90.00
_cell.angle_beta   104.54
_cell.angle_gamma   90.00
#
_symmetry.space_group_name_H-M   'P 1 21 1'
#
loop_
_entity.id
_entity.type
_entity.pdbx_description
1 polymer 'Glycine betaine-binding protein'
2 non-polymer '(dimethyl-lambda~4~-sulfanyl)acetic acid'
#
_entity_poly.entity_id   1
_entity_poly.type   'polypeptide(L)'
_entity_poly.pdbx_seq_one_letter_code
;DENASAAEQVNKTIIGIDPGSGIMSLTDKAMKDYDLNDWTLISASSAAMTATLKKSYDRKKPIIITGWTPHWMFSRYKLK
YLDDPKQSYGSAEEIHTITRKGFSKEQPNAAKLLSQFKWTQDEMGEIMIKVEEGEKPAKVAAEYVNKHKDQIAEWTKGVQ
KVKGDKINLAYVAWDSEIASTNVIGKVLEDLGYEVTLTQVEAGPMWTAIATGSADASLSAWLPNTHKAYAAKYKGKYDDI
GTSMTGVKMGLVVPQYMKNVNSIEDLKK
;
_entity_poly.pdbx_strand_id   D,A,B,C
#
# COMPACT_ATOMS: atom_id res chain seq x y z
N LYS A 12 -22.72 14.45 -31.02
CA LYS A 12 -23.52 14.22 -29.78
C LYS A 12 -24.14 12.82 -29.81
N THR A 13 -23.27 11.81 -29.68
CA THR A 13 -23.64 10.39 -29.75
C THR A 13 -22.79 9.51 -28.81
N ILE A 14 -23.31 8.34 -28.49
CA ILE A 14 -22.52 7.30 -27.85
C ILE A 14 -22.27 6.12 -28.79
N ILE A 15 -21.14 5.45 -28.61
CA ILE A 15 -20.85 4.22 -29.34
C ILE A 15 -21.01 3.01 -28.41
N GLY A 16 -21.85 2.07 -28.83
CA GLY A 16 -22.14 0.88 -28.04
C GLY A 16 -21.73 -0.45 -28.67
N ILE A 17 -22.14 -1.54 -28.03
CA ILE A 17 -21.90 -2.90 -28.53
C ILE A 17 -23.21 -3.59 -28.95
N ASP A 18 -23.24 -4.92 -28.95
CA ASP A 18 -24.38 -5.66 -29.51
C ASP A 18 -25.76 -5.22 -29.00
N PRO A 19 -26.75 -5.13 -29.92
CA PRO A 19 -28.11 -4.70 -29.64
C PRO A 19 -28.75 -5.34 -28.42
N GLY A 20 -28.74 -6.68 -28.37
CA GLY A 20 -29.41 -7.41 -27.31
C GLY A 20 -28.51 -7.77 -26.13
N SER A 21 -27.48 -6.97 -25.89
CA SER A 21 -26.53 -7.22 -24.80
C SER A 21 -26.97 -6.58 -23.48
N GLY A 22 -26.58 -7.22 -22.37
CA GLY A 22 -26.90 -6.75 -21.02
C GLY A 22 -26.66 -5.28 -20.76
N ILE A 23 -25.45 -4.81 -21.08
CA ILE A 23 -25.06 -3.41 -20.83
C ILE A 23 -25.84 -2.42 -21.71
N MET A 24 -26.27 -2.88 -22.88
CA MET A 24 -26.97 -2.06 -23.85
C MET A 24 -28.37 -1.69 -23.35
N SER A 25 -28.97 -2.60 -22.59
CA SER A 25 -30.28 -2.39 -21.99
C SER A 25 -30.17 -1.61 -20.67
N LEU A 26 -28.94 -1.29 -20.28
CA LEU A 26 -28.69 -0.45 -19.12
C LEU A 26 -28.16 0.94 -19.47
N THR A 27 -27.78 1.13 -20.74
CA THR A 27 -27.52 2.48 -21.26
C THR A 27 -28.84 3.21 -21.54
N ASP A 28 -29.84 2.47 -22.05
CA ASP A 28 -31.19 3.00 -22.30
C ASP A 28 -31.85 3.62 -21.06
N LYS A 29 -31.75 2.94 -19.92
CA LYS A 29 -32.30 3.46 -18.68
C LYS A 29 -31.41 4.56 -18.08
N ALA A 30 -30.10 4.48 -18.32
CA ALA A 30 -29.19 5.55 -17.89
C ALA A 30 -29.44 6.86 -18.66
N MET A 31 -29.76 6.74 -19.95
CA MET A 31 -30.14 7.90 -20.78
C MET A 31 -31.41 8.57 -20.24
N LYS A 32 -32.23 7.78 -19.55
CA LYS A 32 -33.45 8.25 -18.92
C LYS A 32 -33.16 8.77 -17.51
N ASP A 33 -32.42 7.99 -16.72
CA ASP A 33 -32.03 8.35 -15.35
C ASP A 33 -31.30 9.68 -15.27
N TYR A 34 -30.58 10.04 -16.34
CA TYR A 34 -29.66 11.17 -16.29
C TYR A 34 -30.08 12.26 -17.27
N ASP A 35 -30.93 11.90 -18.23
CA ASP A 35 -31.90 12.83 -18.78
C ASP A 35 -31.45 13.36 -20.14
N LEU A 36 -31.13 12.45 -21.04
CA LEU A 36 -29.91 12.56 -21.83
C LEU A 36 -30.22 12.52 -23.33
N ASN A 37 -31.13 13.36 -23.77
CA ASN A 37 -32.16 12.96 -24.69
C ASN A 37 -32.07 13.61 -26.05
N ASP A 38 -31.17 14.54 -26.18
CA ASP A 38 -30.68 14.92 -27.49
C ASP A 38 -29.45 14.05 -27.82
N TRP A 39 -29.35 12.92 -27.13
CA TRP A 39 -28.35 11.88 -27.34
C TRP A 39 -28.89 10.60 -27.98
N THR A 40 -28.00 9.81 -28.57
CA THR A 40 -28.40 8.60 -29.29
C THR A 40 -27.39 7.48 -29.08
N LEU A 41 -27.88 6.28 -28.82
CA LEU A 41 -27.02 5.12 -28.60
C LEU A 41 -26.86 4.30 -29.88
N ILE A 42 -25.64 4.26 -30.39
CA ILE A 42 -25.36 3.54 -31.64
C ILE A 42 -25.11 2.04 -31.37
N SER A 43 -26.08 1.21 -31.74
CA SER A 43 -25.97 -0.23 -31.57
C SER A 43 -25.04 -0.82 -32.64
N ALA A 44 -23.93 -1.38 -32.18
CA ALA A 44 -22.90 -1.85 -33.09
C ALA A 44 -22.48 -3.30 -32.84
N SER A 45 -21.18 -3.52 -32.88
CA SER A 45 -20.53 -4.78 -32.55
C SER A 45 -19.21 -4.42 -31.88
N SER A 46 -18.67 -5.34 -31.09
CA SER A 46 -17.38 -5.15 -30.40
C SER A 46 -16.27 -4.79 -31.39
N ALA A 47 -16.32 -5.40 -32.57
CA ALA A 47 -15.31 -5.21 -33.62
C ALA A 47 -15.17 -3.76 -34.05
N ALA A 48 -16.30 -3.07 -34.20
CA ALA A 48 -16.31 -1.69 -34.69
C ALA A 48 -16.21 -0.66 -33.54
N MET A 49 -16.76 -1.02 -32.39
CA MET A 49 -16.69 -0.19 -31.18
C MET A 49 -15.28 0.34 -30.97
N THR A 50 -14.33 -0.58 -30.79
CA THR A 50 -12.92 -0.23 -30.52
C THR A 50 -12.16 0.21 -31.77
N ALA A 51 -12.69 -0.14 -32.95
CA ALA A 51 -12.17 0.38 -34.21
C ALA A 51 -12.36 1.88 -34.24
N THR A 52 -13.58 2.31 -33.91
CA THR A 52 -13.94 3.73 -33.88
C THR A 52 -13.20 4.49 -32.77
N LEU A 53 -12.89 3.78 -31.68
CA LEU A 53 -12.12 4.31 -30.55
C LEU A 53 -10.67 4.64 -30.93
N LYS A 54 -10.05 3.80 -31.75
CA LYS A 54 -8.72 4.08 -32.32
C LYS A 54 -8.79 5.31 -33.21
N LYS A 55 -9.83 5.37 -34.06
CA LYS A 55 -10.07 6.53 -34.92
C LYS A 55 -10.09 7.84 -34.13
N SER A 56 -10.71 7.81 -32.96
CA SER A 56 -10.88 9.00 -32.13
C SER A 56 -9.69 9.30 -31.22
N TYR A 57 -9.22 8.29 -30.49
CA TYR A 57 -8.21 8.49 -29.46
C TYR A 57 -6.89 8.99 -30.08
N ASP A 58 -6.56 8.46 -31.25
CA ASP A 58 -5.31 8.80 -31.91
C ASP A 58 -5.44 10.11 -32.68
N ARG A 59 -6.69 10.55 -32.89
CA ARG A 59 -6.95 11.89 -33.39
C ARG A 59 -7.52 12.79 -32.29
N LYS A 60 -7.30 12.39 -31.04
CA LYS A 60 -7.68 13.21 -29.89
C LYS A 60 -9.06 13.83 -30.10
N LYS A 61 -10.03 12.99 -30.46
CA LYS A 61 -11.42 13.46 -30.64
C LYS A 61 -12.31 13.05 -29.46
N PRO A 62 -13.32 13.88 -29.11
CA PRO A 62 -14.28 13.50 -28.07
C PRO A 62 -15.13 12.30 -28.49
N ILE A 63 -15.28 11.33 -27.58
CA ILE A 63 -15.96 10.07 -27.86
C ILE A 63 -16.54 9.46 -26.59
N ILE A 64 -17.77 8.94 -26.67
CA ILE A 64 -18.37 8.24 -25.53
C ILE A 64 -18.68 6.79 -25.92
N ILE A 65 -18.13 5.85 -25.14
CA ILE A 65 -18.32 4.43 -25.41
C ILE A 65 -18.91 3.69 -24.23
N THR A 66 -19.73 2.69 -24.54
CA THR A 66 -20.16 1.70 -23.56
C THR A 66 -18.95 0.85 -23.18
N GLY A 67 -18.28 1.25 -22.11
CA GLY A 67 -17.10 0.56 -21.62
C GLY A 67 -17.41 -0.40 -20.50
N TRP A 68 -16.47 -1.30 -20.26
CA TRP A 68 -16.55 -2.28 -19.18
C TRP A 68 -15.16 -2.79 -18.82
N THR A 69 -15.00 -3.15 -17.55
CA THR A 69 -13.76 -3.75 -17.08
C THR A 69 -14.08 -5.18 -16.62
N PRO A 70 -13.24 -6.17 -16.98
CA PRO A 70 -11.97 -6.12 -17.71
C PRO A 70 -12.06 -6.03 -19.25
N HIS A 71 -11.22 -5.18 -19.84
CA HIS A 71 -11.11 -5.01 -21.29
C HIS A 71 -9.68 -4.55 -21.64
N TRP A 72 -9.23 -4.84 -22.87
CA TRP A 72 -7.86 -4.50 -23.30
C TRP A 72 -7.68 -3.02 -23.62
N MET A 73 -8.78 -2.32 -23.90
CA MET A 73 -8.72 -0.91 -24.28
C MET A 73 -8.14 -0.02 -23.17
N PHE A 74 -8.33 -0.42 -21.92
CA PHE A 74 -7.75 0.26 -20.77
C PHE A 74 -6.24 0.06 -20.66
N SER A 75 -5.62 -0.33 -21.77
CA SER A 75 -4.19 -0.61 -21.82
C SER A 75 -3.52 -0.06 -23.08
N ARG A 76 -4.27 0.04 -24.19
CA ARG A 76 -3.76 0.74 -25.37
C ARG A 76 -3.90 2.24 -25.17
N TYR A 77 -4.96 2.65 -24.47
CA TYR A 77 -5.20 4.07 -24.21
C TYR A 77 -5.47 4.33 -22.73
N LYS A 78 -5.26 5.56 -22.31
CA LYS A 78 -5.66 5.99 -20.97
C LYS A 78 -7.12 6.44 -20.95
N LEU A 79 -7.95 5.70 -20.23
CA LEU A 79 -9.41 5.91 -20.28
C LEU A 79 -10.07 6.01 -18.90
N LYS A 80 -11.24 6.63 -18.82
CA LYS A 80 -11.90 6.89 -17.54
C LYS A 80 -13.41 6.70 -17.56
N TYR A 81 -13.94 6.13 -16.47
CA TYR A 81 -15.38 5.97 -16.26
C TYR A 81 -15.98 7.27 -15.79
N LEU A 82 -17.24 7.51 -16.17
CA LEU A 82 -17.96 8.67 -15.66
C LEU A 82 -18.66 8.29 -14.36
N ASP A 83 -18.44 9.08 -13.32
CA ASP A 83 -19.01 8.80 -12.00
C ASP A 83 -20.50 8.51 -12.11
N ASP A 84 -21.03 7.79 -11.12
CA ASP A 84 -22.42 7.39 -11.12
C ASP A 84 -23.06 7.59 -9.74
N PRO A 85 -23.73 8.72 -9.57
CA PRO A 85 -24.56 8.94 -8.38
C PRO A 85 -25.88 8.20 -8.46
N LYS A 86 -26.59 8.34 -9.58
CA LYS A 86 -27.86 7.65 -9.77
C LYS A 86 -27.62 6.23 -10.29
N GLN A 87 -26.86 5.43 -9.60
CA GLN A 87 -26.35 4.21 -10.11
C GLN A 87 -27.26 3.56 -11.04
N SER A 88 -27.11 3.84 -12.30
CA SER A 88 -28.03 3.31 -13.30
C SER A 88 -27.57 1.95 -13.79
N TYR A 89 -26.26 1.79 -13.88
CA TYR A 89 -25.65 0.54 -14.32
C TYR A 89 -25.63 -0.53 -13.23
N GLY A 90 -25.72 -0.11 -11.98
CA GLY A 90 -25.46 -1.00 -10.83
C GLY A 90 -23.97 -1.04 -10.60
N SER A 91 -23.54 -1.56 -9.45
CA SER A 91 -22.11 -1.54 -9.09
C SER A 91 -21.53 -2.74 -8.31
N ALA A 92 -22.33 -3.79 -8.11
CA ALA A 92 -21.89 -4.97 -7.37
C ALA A 92 -21.73 -6.18 -8.28
N GLU A 93 -21.07 -5.97 -9.42
CA GLU A 93 -21.12 -6.93 -10.53
C GLU A 93 -20.09 -8.05 -10.48
N GLU A 94 -20.43 -9.17 -11.08
CA GLU A 94 -19.53 -10.31 -11.17
C GLU A 94 -19.83 -11.17 -12.39
N ILE A 95 -18.78 -11.68 -13.03
CA ILE A 95 -18.92 -12.67 -14.07
C ILE A 95 -18.97 -14.08 -13.49
N HIS A 96 -19.69 -14.97 -14.15
CA HIS A 96 -20.18 -16.16 -13.54
C HIS A 96 -20.16 -17.30 -14.54
N THR A 97 -20.14 -18.50 -14.01
CA THR A 97 -20.17 -19.71 -14.78
C THR A 97 -21.52 -20.41 -14.58
N ILE A 98 -22.28 -20.62 -15.66
CA ILE A 98 -23.58 -21.28 -15.55
C ILE A 98 -23.72 -22.47 -16.49
N THR A 99 -24.37 -23.53 -16.01
CA THR A 99 -24.58 -24.75 -16.81
C THR A 99 -26.07 -25.08 -16.91
N ARG A 100 -26.41 -25.95 -17.85
CA ARG A 100 -27.79 -26.41 -17.97
C ARG A 100 -28.18 -27.31 -16.78
N LYS A 101 -29.49 -27.49 -16.59
CA LYS A 101 -29.99 -28.33 -15.51
C LYS A 101 -29.60 -29.79 -15.70
N GLY A 102 -29.22 -30.40 -14.58
CA GLY A 102 -28.85 -31.82 -14.55
C GLY A 102 -27.47 -32.08 -15.12
N PHE A 103 -26.64 -31.04 -15.20
CA PHE A 103 -25.30 -31.18 -15.74
C PHE A 103 -24.36 -31.82 -14.72
N SER A 104 -24.50 -31.40 -13.46
CA SER A 104 -23.48 -31.66 -12.46
C SER A 104 -23.32 -33.15 -12.18
N LYS A 105 -24.18 -33.95 -12.82
CA LYS A 105 -24.41 -35.31 -12.38
C LYS A 105 -24.30 -36.30 -13.54
N GLU A 106 -24.74 -35.86 -14.71
CA GLU A 106 -24.28 -36.45 -15.97
C GLU A 106 -22.76 -36.52 -16.01
N GLN A 107 -22.12 -35.35 -16.02
CA GLN A 107 -20.66 -35.28 -16.00
C GLN A 107 -20.16 -34.55 -14.76
N PRO A 108 -20.03 -35.28 -13.66
CA PRO A 108 -19.61 -34.69 -12.39
C PRO A 108 -18.16 -34.22 -12.45
N ASN A 109 -17.41 -34.78 -13.39
CA ASN A 109 -16.02 -34.40 -13.63
C ASN A 109 -15.91 -32.97 -14.14
N ALA A 110 -16.59 -32.67 -15.25
CA ALA A 110 -16.52 -31.35 -15.90
C ALA A 110 -17.07 -30.22 -15.03
N ALA A 111 -18.23 -30.47 -14.40
CA ALA A 111 -18.87 -29.50 -13.52
C ALA A 111 -18.02 -29.20 -12.28
N LYS A 112 -17.04 -30.06 -12.01
CA LYS A 112 -16.09 -29.83 -10.92
C LYS A 112 -14.86 -29.07 -11.40
N LEU A 113 -14.59 -29.14 -12.71
CA LEU A 113 -13.58 -28.28 -13.33
C LEU A 113 -14.14 -26.86 -13.33
N LEU A 114 -15.36 -26.69 -13.90
CA LEU A 114 -16.01 -25.43 -14.08
C LEU A 114 -16.08 -24.68 -12.83
N SER A 115 -16.29 -25.37 -11.72
CA SER A 115 -16.75 -24.80 -10.48
C SER A 115 -15.62 -24.20 -9.67
N GLN A 116 -14.42 -24.65 -9.95
CA GLN A 116 -13.20 -24.14 -9.33
C GLN A 116 -12.46 -23.12 -10.21
N PHE A 117 -13.09 -22.72 -11.32
CA PHE A 117 -12.55 -21.68 -12.21
C PHE A 117 -12.71 -20.29 -11.59
N LYS A 118 -11.60 -19.76 -11.07
CA LYS A 118 -11.55 -18.37 -10.63
C LYS A 118 -10.31 -17.73 -11.24
N TRP A 119 -10.42 -16.45 -11.59
CA TRP A 119 -9.28 -15.71 -12.13
C TRP A 119 -9.60 -14.22 -12.22
N THR A 120 -8.55 -13.41 -12.38
CA THR A 120 -8.64 -11.98 -12.08
C THR A 120 -8.56 -11.16 -13.36
N GLN A 121 -8.66 -9.84 -13.21
CA GLN A 121 -8.99 -8.95 -14.32
C GLN A 121 -7.81 -8.79 -15.26
N ASP A 122 -6.61 -8.66 -14.68
CA ASP A 122 -5.38 -8.54 -15.48
C ASP A 122 -4.86 -9.87 -16.05
N GLU A 123 -5.16 -10.97 -15.37
CA GLU A 123 -4.75 -12.32 -15.81
C GLU A 123 -5.47 -12.74 -17.08
N MET A 124 -6.71 -12.27 -17.25
CA MET A 124 -7.44 -12.41 -18.51
C MET A 124 -6.84 -11.48 -19.54
N GLY A 125 -6.74 -10.20 -19.19
CA GLY A 125 -6.29 -9.18 -20.12
C GLY A 125 -5.00 -9.59 -20.82
N GLU A 126 -4.14 -10.28 -20.09
CA GLU A 126 -2.96 -10.90 -20.68
C GLU A 126 -3.29 -11.58 -22.01
N ILE A 127 -4.41 -12.31 -22.03
CA ILE A 127 -4.77 -13.11 -23.20
C ILE A 127 -5.50 -12.26 -24.24
N MET A 128 -6.28 -11.29 -23.75
N MET A 128 -6.26 -11.27 -23.79
CA MET A 128 -7.04 -10.37 -24.58
CA MET A 128 -7.03 -10.46 -24.74
C MET A 128 -6.18 -9.46 -25.45
C MET A 128 -6.18 -9.41 -25.48
N ILE A 129 -5.11 -8.93 -24.84
CA ILE A 129 -4.19 -8.00 -25.52
C ILE A 129 -3.43 -8.71 -26.66
N LYS A 130 -3.09 -9.98 -26.44
CA LYS A 130 -2.47 -10.82 -27.44
C LYS A 130 -3.48 -11.16 -28.54
N VAL A 131 -4.71 -11.44 -28.15
CA VAL A 131 -5.80 -11.69 -29.10
C VAL A 131 -6.07 -10.43 -29.93
N GLU A 132 -5.95 -9.29 -29.31
CA GLU A 132 -5.93 -8.05 -30.04
C GLU A 132 -4.69 -7.60 -30.72
N GLU A 133 -3.54 -8.13 -30.37
CA GLU A 133 -2.42 -8.12 -31.26
C GLU A 133 -2.64 -8.68 -32.64
N GLY A 134 -3.35 -9.81 -32.69
CA GLY A 134 -3.89 -10.44 -33.88
C GLY A 134 -3.54 -11.90 -33.93
N GLU A 135 -3.24 -12.44 -32.77
CA GLU A 135 -3.04 -13.86 -32.51
C GLU A 135 -4.38 -14.62 -32.42
N LYS A 136 -4.31 -15.95 -32.48
CA LYS A 136 -5.51 -16.78 -32.52
C LYS A 136 -5.75 -17.47 -31.18
N PRO A 137 -7.02 -17.61 -30.83
CA PRO A 137 -7.42 -17.70 -29.42
C PRO A 137 -6.91 -18.97 -28.75
N ALA A 138 -6.69 -20.01 -29.55
CA ALA A 138 -6.23 -21.29 -29.03
C ALA A 138 -4.73 -21.28 -28.78
N LYS A 139 -3.98 -20.83 -29.78
CA LYS A 139 -2.52 -20.72 -29.65
C LYS A 139 -2.11 -19.91 -28.41
N VAL A 140 -2.81 -18.81 -28.18
CA VAL A 140 -2.53 -17.96 -27.03
C VAL A 140 -2.91 -18.64 -25.71
N ALA A 141 -4.05 -19.36 -25.72
CA ALA A 141 -4.48 -20.17 -24.58
C ALA A 141 -3.46 -21.23 -24.22
N ALA A 142 -2.94 -21.92 -25.24
CA ALA A 142 -1.91 -22.95 -25.03
C ALA A 142 -0.64 -22.38 -24.39
N GLU A 143 -0.39 -21.08 -24.59
CA GLU A 143 0.74 -20.42 -23.94
C GLU A 143 0.43 -20.12 -22.46
N TYR A 144 -0.77 -19.64 -22.19
CA TYR A 144 -1.20 -19.29 -20.83
C TYR A 144 -1.32 -20.51 -19.90
N VAL A 145 -1.67 -21.67 -20.47
CA VAL A 145 -1.73 -22.92 -19.72
C VAL A 145 -0.33 -23.39 -19.28
N ASN A 146 0.70 -22.85 -19.94
CA ASN A 146 2.11 -23.14 -19.65
C ASN A 146 2.82 -22.15 -18.72
N LYS A 147 2.30 -20.96 -18.61
CA LYS A 147 2.89 -19.95 -17.85
C LYS A 147 2.41 -20.08 -16.42
N HIS A 148 1.29 -19.42 -16.11
CA HIS A 148 0.43 -19.82 -15.01
C HIS A 148 0.04 -21.30 -15.14
N LYS A 149 0.72 -22.15 -14.38
CA LYS A 149 0.55 -23.59 -14.51
C LYS A 149 0.26 -24.24 -13.17
N ASP A 150 0.08 -23.42 -12.14
CA ASP A 150 -0.37 -23.88 -10.84
C ASP A 150 -1.64 -23.17 -10.41
N GLN A 151 -2.19 -22.35 -11.30
CA GLN A 151 -3.60 -21.99 -11.25
C GLN A 151 -4.42 -23.08 -11.93
N ILE A 152 -3.91 -23.55 -13.06
CA ILE A 152 -4.57 -24.65 -13.78
C ILE A 152 -4.69 -25.89 -12.91
N ALA A 153 -3.61 -26.24 -12.23
CA ALA A 153 -3.58 -27.44 -11.39
C ALA A 153 -4.66 -27.37 -10.31
N GLU A 154 -5.07 -26.15 -9.98
CA GLU A 154 -6.15 -25.97 -9.01
C GLU A 154 -7.50 -25.90 -9.70
N TRP A 155 -7.58 -25.15 -10.79
CA TRP A 155 -8.74 -25.19 -11.68
C TRP A 155 -9.20 -26.62 -11.89
N THR A 156 -8.28 -27.57 -11.71
CA THR A 156 -8.51 -28.98 -12.06
C THR A 156 -8.01 -29.96 -11.00
N LYS A 157 -7.94 -29.52 -9.74
CA LYS A 157 -7.64 -30.43 -8.63
C LYS A 157 -8.79 -31.42 -8.46
N GLY A 158 -8.50 -32.69 -8.76
CA GLY A 158 -9.50 -33.76 -8.65
C GLY A 158 -10.31 -33.96 -9.91
N VAL A 159 -9.78 -33.48 -11.02
CA VAL A 159 -10.41 -33.67 -12.33
C VAL A 159 -9.59 -34.65 -13.17
N GLN A 160 -10.09 -35.88 -13.27
CA GLN A 160 -9.42 -36.96 -14.02
C GLN A 160 -9.64 -36.83 -15.53
N LYS A 161 -8.55 -36.98 -16.30
CA LYS A 161 -8.58 -36.95 -17.77
C LYS A 161 -9.69 -37.86 -18.31
N VAL A 162 -10.45 -37.36 -19.28
CA VAL A 162 -11.60 -38.08 -19.79
C VAL A 162 -11.33 -38.68 -21.16
N LYS A 163 -12.23 -39.54 -21.62
CA LYS A 163 -12.03 -40.25 -22.88
C LYS A 163 -12.91 -39.67 -23.99
N GLY A 164 -12.81 -38.36 -24.19
CA GLY A 164 -13.52 -37.70 -25.26
C GLY A 164 -15.02 -37.86 -25.16
N ASP A 165 -15.55 -37.72 -23.95
CA ASP A 165 -16.85 -37.11 -23.76
C ASP A 165 -16.82 -35.69 -24.32
N LYS A 166 -17.92 -35.28 -24.94
CA LYS A 166 -18.02 -33.96 -25.56
C LYS A 166 -18.61 -32.93 -24.60
N ILE A 167 -18.11 -31.71 -24.70
CA ILE A 167 -18.59 -30.59 -23.89
C ILE A 167 -18.84 -29.37 -24.76
N ASN A 168 -20.01 -28.77 -24.58
CA ASN A 168 -20.40 -27.62 -25.37
C ASN A 168 -20.20 -26.33 -24.60
N LEU A 169 -19.43 -25.42 -25.20
CA LEU A 169 -19.13 -24.13 -24.61
C LEU A 169 -19.70 -23.01 -25.48
N ALA A 170 -21.00 -22.78 -25.35
CA ALA A 170 -21.64 -21.64 -25.97
C ALA A 170 -21.23 -20.38 -25.22
N TYR A 171 -20.86 -19.35 -25.97
CA TYR A 171 -20.44 -18.07 -25.41
C TYR A 171 -20.95 -16.91 -26.26
N VAL A 172 -20.84 -15.70 -25.72
CA VAL A 172 -21.05 -14.50 -26.52
C VAL A 172 -19.69 -13.86 -26.73
N ALA A 173 -19.43 -13.41 -27.95
CA ALA A 173 -18.08 -13.01 -28.36
C ALA A 173 -17.67 -11.57 -27.99
N TRP A 174 -17.85 -11.22 -26.71
CA TRP A 174 -17.20 -10.04 -26.14
C TRP A 174 -15.76 -10.43 -25.85
N ASP A 175 -14.84 -9.49 -26.02
CA ASP A 175 -13.41 -9.74 -25.93
C ASP A 175 -13.06 -10.64 -24.75
N SER A 176 -13.44 -10.18 -23.57
CA SER A 176 -13.28 -10.90 -22.32
C SER A 176 -13.69 -12.37 -22.41
N GLU A 177 -14.83 -12.63 -23.03
CA GLU A 177 -15.34 -13.99 -23.18
C GLU A 177 -14.86 -14.69 -24.47
N ILE A 178 -13.75 -14.21 -25.03
CA ILE A 178 -12.96 -15.02 -25.98
C ILE A 178 -11.61 -15.37 -25.34
N ALA A 179 -11.40 -14.88 -24.12
CA ALA A 179 -10.19 -15.18 -23.34
C ALA A 179 -10.45 -16.23 -22.26
N SER A 180 -11.72 -16.37 -21.86
CA SER A 180 -12.10 -17.34 -20.83
C SER A 180 -12.74 -18.59 -21.44
N THR A 181 -13.56 -18.40 -22.47
CA THR A 181 -14.23 -19.53 -23.10
C THR A 181 -13.22 -20.46 -23.78
N ASN A 182 -12.09 -19.88 -24.20
CA ASN A 182 -11.05 -20.63 -24.89
C ASN A 182 -9.98 -21.20 -23.97
N VAL A 183 -9.80 -20.59 -22.81
CA VAL A 183 -8.83 -21.06 -21.83
C VAL A 183 -9.38 -22.25 -21.04
N ILE A 184 -10.59 -22.67 -21.40
CA ILE A 184 -11.28 -23.71 -20.63
C ILE A 184 -12.10 -24.61 -21.55
N GLY A 185 -12.47 -24.09 -22.71
CA GLY A 185 -11.75 -24.38 -23.94
C GLY A 185 -10.64 -25.39 -23.73
N LYS A 186 -9.42 -24.88 -23.53
CA LYS A 186 -8.22 -25.70 -23.70
C LYS A 186 -7.96 -26.57 -22.48
N VAL A 187 -8.07 -25.97 -21.29
CA VAL A 187 -7.87 -26.70 -20.04
C VAL A 187 -8.77 -27.94 -19.99
N LEU A 188 -9.99 -27.81 -20.50
CA LEU A 188 -10.85 -28.97 -20.71
C LEU A 188 -10.25 -29.93 -21.72
N GLU A 189 -10.16 -29.50 -22.97
CA GLU A 189 -9.46 -30.25 -24.00
C GLU A 189 -8.27 -31.00 -23.42
N ASP A 190 -7.39 -30.27 -22.74
CA ASP A 190 -6.12 -30.84 -22.26
C ASP A 190 -6.34 -32.20 -21.62
N LEU A 191 -7.61 -32.56 -21.40
CA LEU A 191 -7.95 -33.73 -20.62
C LEU A 191 -8.84 -34.72 -21.38
N GLY A 192 -8.80 -34.68 -22.71
CA GLY A 192 -9.51 -35.66 -23.52
C GLY A 192 -10.85 -35.22 -24.09
N TYR A 193 -11.52 -34.32 -23.38
CA TYR A 193 -12.80 -33.72 -23.80
C TYR A 193 -12.72 -33.17 -25.22
N GLU A 194 -13.76 -33.42 -26.01
CA GLU A 194 -13.89 -32.78 -27.32
C GLU A 194 -14.72 -31.50 -27.17
N VAL A 195 -14.25 -30.42 -27.79
CA VAL A 195 -14.82 -29.09 -27.60
C VAL A 195 -15.38 -28.50 -28.90
N THR A 196 -16.64 -28.09 -28.86
CA THR A 196 -17.17 -27.14 -29.83
C THR A 196 -17.97 -26.04 -29.14
N LEU A 197 -17.98 -24.85 -29.73
CA LEU A 197 -17.62 -23.63 -29.02
C LEU A 197 -18.47 -22.45 -29.49
N THR A 198 -19.74 -22.47 -29.13
CA THR A 198 -20.81 -22.10 -30.05
C THR A 198 -21.15 -20.62 -29.93
N GLN A 199 -20.84 -19.86 -30.99
CA GLN A 199 -20.93 -18.40 -30.93
C GLN A 199 -22.37 -17.94 -31.13
N VAL A 200 -22.91 -17.27 -30.11
CA VAL A 200 -24.30 -16.82 -30.11
C VAL A 200 -24.44 -15.40 -29.56
N GLU A 201 -25.63 -14.83 -29.74
CA GLU A 201 -25.98 -13.56 -29.14
C GLU A 201 -26.38 -13.76 -27.69
N ALA A 202 -26.12 -12.75 -26.86
CA ALA A 202 -26.71 -12.67 -25.53
C ALA A 202 -28.23 -12.58 -25.61
N GLY A 203 -28.91 -13.49 -24.93
CA GLY A 203 -30.27 -13.84 -25.26
C GLY A 203 -30.42 -15.30 -25.63
N PRO A 204 -30.24 -15.59 -26.92
CA PRO A 204 -30.14 -16.98 -27.39
C PRO A 204 -29.12 -17.78 -26.56
N MET A 205 -28.08 -17.10 -26.08
CA MET A 205 -27.11 -17.72 -25.19
C MET A 205 -27.82 -18.38 -23.99
N TRP A 206 -28.51 -17.57 -23.19
CA TRP A 206 -29.27 -18.05 -22.04
C TRP A 206 -30.23 -19.17 -22.42
N THR A 207 -31.00 -18.94 -23.49
CA THR A 207 -31.95 -19.93 -24.02
C THR A 207 -31.28 -21.29 -24.22
N ALA A 208 -30.19 -21.29 -24.98
CA ALA A 208 -29.44 -22.49 -25.29
C ALA A 208 -29.13 -23.29 -24.02
N ILE A 209 -28.71 -22.58 -22.97
CA ILE A 209 -28.44 -23.19 -21.66
C ILE A 209 -29.71 -23.74 -21.04
N ALA A 210 -30.72 -22.88 -20.87
CA ALA A 210 -31.96 -23.25 -20.16
C ALA A 210 -32.79 -24.34 -20.83
N THR A 211 -32.60 -24.52 -22.13
CA THR A 211 -33.35 -25.52 -22.90
C THR A 211 -32.47 -26.73 -23.18
N GLY A 212 -31.16 -26.52 -23.07
CA GLY A 212 -30.19 -27.62 -23.11
C GLY A 212 -29.49 -27.88 -24.43
N SER A 213 -29.51 -26.90 -25.34
CA SER A 213 -28.78 -27.03 -26.60
C SER A 213 -27.28 -26.76 -26.40
N ALA A 214 -26.92 -26.49 -25.14
CA ALA A 214 -25.53 -26.35 -24.71
C ALA A 214 -25.37 -26.86 -23.28
N ASP A 215 -24.13 -27.14 -22.95
CA ASP A 215 -23.85 -27.69 -21.62
C ASP A 215 -23.50 -26.58 -20.62
N ALA A 216 -22.54 -25.81 -20.84
CA ALA A 216 -22.07 -24.79 -19.91
C ALA A 216 -21.72 -23.48 -20.59
N SER A 217 -21.73 -22.40 -19.83
CA SER A 217 -21.71 -21.06 -20.39
C SER A 217 -20.96 -20.09 -19.49
N LEU A 218 -19.72 -19.77 -19.86
CA LEU A 218 -18.83 -19.01 -18.98
C LEU A 218 -18.98 -17.52 -19.20
N SER A 219 -20.22 -17.08 -19.38
CA SER A 219 -20.49 -15.79 -20.01
C SER A 219 -21.64 -15.06 -19.32
N ALA A 220 -21.62 -15.05 -17.99
CA ALA A 220 -22.62 -14.33 -17.21
C ALA A 220 -22.02 -13.10 -16.54
N TRP A 221 -22.67 -11.95 -16.72
CA TRP A 221 -22.41 -10.79 -15.90
C TRP A 221 -23.64 -10.51 -15.03
N LEU A 222 -23.53 -10.83 -13.74
CA LEU A 222 -24.66 -10.73 -12.82
C LEU A 222 -24.31 -9.99 -11.51
N PRO A 223 -25.30 -9.55 -10.73
CA PRO A 223 -26.69 -10.04 -10.76
C PRO A 223 -27.63 -8.88 -11.10
N ASN A 224 -27.19 -8.22 -12.18
CA ASN A 224 -27.72 -6.97 -12.71
C ASN A 224 -27.54 -6.88 -14.25
N THR A 225 -26.30 -6.88 -14.76
CA THR A 225 -26.07 -6.76 -16.20
C THR A 225 -26.96 -7.70 -17.00
N HIS A 226 -26.92 -8.98 -16.67
CA HIS A 226 -27.73 -9.98 -17.37
C HIS A 226 -29.03 -10.30 -16.63
N LYS A 227 -29.28 -9.57 -15.54
CA LYS A 227 -30.53 -9.67 -14.74
C LYS A 227 -31.78 -10.17 -15.48
N ALA A 228 -32.10 -9.54 -16.61
CA ALA A 228 -33.36 -9.81 -17.30
C ALA A 228 -33.57 -11.30 -17.61
N TYR A 229 -32.57 -11.91 -18.23
CA TYR A 229 -32.67 -13.31 -18.63
C TYR A 229 -32.69 -14.21 -17.40
N ALA A 230 -31.94 -13.84 -16.37
CA ALA A 230 -31.83 -14.61 -15.12
C ALA A 230 -33.21 -14.86 -14.53
N ALA A 231 -34.00 -13.86 -14.34
CA ALA A 231 -35.37 -14.01 -14.04
C ALA A 231 -36.31 -14.62 -15.10
N LYS A 232 -35.92 -14.54 -16.36
CA LYS A 232 -36.69 -15.05 -17.46
C LYS A 232 -36.61 -16.49 -17.52
N TYR A 233 -35.47 -17.00 -17.17
CA TYR A 233 -35.29 -18.44 -16.97
C TYR A 233 -34.81 -18.66 -15.54
N LYS A 234 -35.75 -18.89 -14.62
CA LYS A 234 -35.42 -19.07 -13.21
C LYS A 234 -34.85 -20.47 -12.96
N GLY A 235 -35.64 -21.30 -12.28
CA GLY A 235 -35.14 -22.56 -11.78
C GLY A 235 -34.82 -23.55 -12.88
N LYS A 236 -34.45 -23.02 -14.05
CA LYS A 236 -34.25 -23.85 -15.24
C LYS A 236 -32.77 -23.79 -15.71
N TYR A 237 -31.88 -23.40 -14.80
CA TYR A 237 -30.42 -23.45 -15.03
C TYR A 237 -29.62 -23.70 -13.74
N ASP A 238 -28.35 -23.91 -13.76
CA ASP A 238 -27.38 -24.04 -12.68
C ASP A 238 -26.33 -22.94 -12.71
N ASP A 239 -26.23 -22.19 -11.56
CA ASP A 239 -25.13 -21.28 -11.23
C ASP A 239 -24.17 -21.97 -10.27
N ILE A 240 -22.99 -22.34 -10.75
CA ILE A 240 -22.09 -23.21 -10.00
C ILE A 240 -20.85 -22.48 -9.49
N GLY A 241 -20.45 -21.44 -10.21
CA GLY A 241 -19.15 -20.79 -10.01
C GLY A 241 -19.14 -19.29 -10.18
N THR A 242 -18.12 -18.66 -9.62
CA THR A 242 -17.94 -17.22 -9.67
C THR A 242 -16.57 -16.91 -10.26
N SER A 243 -16.52 -16.74 -11.57
CA SER A 243 -15.27 -16.49 -12.28
C SER A 243 -14.53 -15.27 -11.72
N MET A 244 -15.20 -14.11 -11.72
CA MET A 244 -14.61 -12.86 -11.22
C MET A 244 -15.54 -12.15 -10.25
N THR A 245 -14.95 -11.37 -9.33
CA THR A 245 -15.69 -10.40 -8.50
C THR A 245 -15.12 -8.99 -8.66
N GLY A 246 -15.96 -7.98 -8.44
CA GLY A 246 -15.57 -6.57 -8.58
C GLY A 246 -15.31 -6.17 -10.02
N VAL A 247 -16.34 -6.25 -10.87
CA VAL A 247 -16.23 -5.78 -12.27
C VAL A 247 -17.08 -4.52 -12.56
N LYS A 248 -16.47 -3.53 -13.19
CA LYS A 248 -17.12 -2.23 -13.44
C LYS A 248 -17.48 -2.03 -14.91
N MET A 249 -18.54 -1.25 -15.15
CA MET A 249 -19.00 -0.93 -16.50
C MET A 249 -19.83 0.35 -16.51
N GLY A 250 -19.88 0.99 -17.67
CA GLY A 250 -20.62 2.23 -17.84
C GLY A 250 -20.13 3.03 -19.03
N LEU A 251 -20.56 4.30 -19.10
CA LEU A 251 -20.11 5.21 -20.15
C LEU A 251 -18.64 5.52 -19.97
N VAL A 252 -17.89 5.48 -21.06
CA VAL A 252 -16.45 5.68 -21.00
C VAL A 252 -16.01 6.71 -22.05
N VAL A 253 -15.23 7.68 -21.59
CA VAL A 253 -14.58 8.66 -22.46
C VAL A 253 -13.08 8.60 -22.23
N PRO A 254 -12.30 9.04 -23.21
CA PRO A 254 -10.84 9.04 -23.09
C PRO A 254 -10.34 10.21 -22.25
N GLN A 255 -9.12 10.10 -21.74
CA GLN A 255 -8.76 10.72 -20.46
C GLN A 255 -8.45 12.20 -20.64
N TYR A 256 -8.50 12.66 -21.89
CA TYR A 256 -8.14 14.04 -22.21
C TYR A 256 -9.38 14.91 -22.35
N MET A 257 -10.53 14.38 -21.92
CA MET A 257 -11.75 15.18 -21.78
C MET A 257 -11.98 15.55 -20.31
N LYS A 258 -10.95 16.13 -19.71
CA LYS A 258 -10.96 16.51 -18.29
C LYS A 258 -12.08 17.46 -17.88
N ASN A 259 -12.68 18.15 -18.86
CA ASN A 259 -13.83 19.05 -18.62
C ASN A 259 -15.14 18.26 -18.46
N VAL A 260 -15.06 16.92 -18.54
CA VAL A 260 -16.22 16.03 -18.57
C VAL A 260 -16.02 14.79 -17.68
N ASN A 261 -16.35 14.89 -16.40
CA ASN A 261 -16.02 13.81 -15.44
C ASN A 261 -17.20 13.00 -14.86
N SER A 262 -18.40 13.19 -15.42
CA SER A 262 -19.59 12.50 -14.95
C SER A 262 -20.70 12.49 -16.01
N ILE A 263 -21.69 11.61 -15.85
CA ILE A 263 -22.80 11.52 -16.82
C ILE A 263 -23.55 12.85 -16.93
N GLU A 264 -23.81 13.49 -15.78
CA GLU A 264 -24.59 14.73 -15.74
C GLU A 264 -23.86 15.90 -16.42
N ASP A 265 -22.53 15.82 -16.46
CA ASP A 265 -21.74 16.82 -17.16
C ASP A 265 -21.65 16.53 -18.65
N LEU A 266 -22.10 15.34 -19.04
CA LEU A 266 -21.92 14.86 -20.40
C LEU A 266 -22.82 15.61 -21.38
N LYS A 267 -23.34 16.75 -20.93
CA LYS A 267 -24.70 17.16 -21.27
C LYS A 267 -24.89 18.66 -21.08
N LYS A 268 -24.14 19.23 -20.15
CA LYS A 268 -23.58 20.57 -20.32
C LYS A 268 -22.23 20.51 -21.03
N ASN B 11 16.04 -14.71 -23.52
CA ASN B 11 17.44 -14.21 -23.38
C ASN B 11 17.61 -13.29 -22.16
N LYS B 12 18.77 -12.62 -22.10
CA LYS B 12 19.17 -11.82 -20.93
C LYS B 12 19.39 -10.34 -21.30
N THR B 13 18.77 -9.43 -20.55
CA THR B 13 18.80 -7.97 -20.84
C THR B 13 18.39 -7.14 -19.60
N ILE B 14 18.80 -5.87 -19.54
CA ILE B 14 18.31 -4.92 -18.52
C ILE B 14 18.07 -3.50 -19.05
N ILE B 15 16.79 -3.11 -19.06
CA ILE B 15 16.35 -1.81 -19.57
C ILE B 15 16.51 -0.74 -18.49
N GLY B 16 16.94 0.45 -18.90
CA GLY B 16 17.22 1.53 -17.97
C GLY B 16 16.80 2.91 -18.39
N ILE B 17 17.46 3.91 -17.83
CA ILE B 17 17.14 5.32 -18.04
C ILE B 17 18.34 6.05 -18.62
N ASP B 18 18.34 7.39 -18.54
CA ASP B 18 19.42 8.21 -19.11
C ASP B 18 20.81 7.80 -18.59
N PRO B 19 21.83 7.87 -19.48
CA PRO B 19 23.20 7.48 -19.14
C PRO B 19 23.85 8.34 -18.04
N GLY B 20 23.59 9.64 -18.05
CA GLY B 20 24.20 10.58 -17.12
C GLY B 20 23.76 10.37 -15.69
N SER B 21 22.64 9.66 -15.52
CA SER B 21 22.08 9.38 -14.21
C SER B 21 23.01 8.53 -13.34
N GLY B 22 22.76 8.58 -12.02
CA GLY B 22 23.56 7.87 -11.04
C GLY B 22 23.24 6.39 -10.97
N ILE B 23 21.97 6.05 -10.76
CA ILE B 23 21.55 4.64 -10.71
C ILE B 23 22.16 3.84 -11.87
N MET B 24 22.01 4.39 -13.08
CA MET B 24 22.53 3.79 -14.29
C MET B 24 23.99 3.43 -14.10
N SER B 25 24.80 4.44 -13.79
CA SER B 25 26.23 4.30 -13.57
C SER B 25 26.52 3.28 -12.47
N LEU B 26 25.76 3.37 -11.37
CA LEU B 26 25.88 2.43 -10.26
C LEU B 26 25.56 1.00 -10.65
N THR B 27 24.76 0.82 -11.70
CA THR B 27 24.29 -0.49 -12.11
C THR B 27 25.36 -1.31 -12.84
N ASP B 28 26.46 -0.66 -13.22
CA ASP B 28 27.65 -1.36 -13.70
C ASP B 28 28.28 -2.12 -12.54
N LYS B 29 28.47 -1.40 -11.43
CA LYS B 29 29.14 -1.92 -10.23
C LYS B 29 28.52 -3.23 -9.76
N ALA B 30 27.19 -3.28 -9.77
CA ALA B 30 26.43 -4.48 -9.43
C ALA B 30 26.77 -5.63 -10.36
N MET B 31 26.88 -5.34 -11.66
CA MET B 31 27.19 -6.34 -12.67
C MET B 31 28.61 -6.88 -12.52
N LYS B 32 29.51 -6.04 -12.02
CA LYS B 32 30.86 -6.45 -11.65
C LYS B 32 30.90 -7.19 -10.31
N ASP B 33 30.11 -6.71 -9.35
CA ASP B 33 30.10 -7.28 -7.99
C ASP B 33 29.39 -8.62 -7.90
N TYR B 34 28.44 -8.85 -8.80
CA TYR B 34 27.64 -10.08 -8.77
C TYR B 34 27.78 -10.94 -10.02
N ASP B 35 28.77 -10.63 -10.86
CA ASP B 35 29.05 -11.39 -12.10
C ASP B 35 27.89 -11.40 -13.11
N LEU B 36 27.14 -10.31 -13.18
CA LEU B 36 26.08 -10.18 -14.18
C LEU B 36 26.70 -9.81 -15.53
N ASN B 37 27.82 -10.44 -15.84
CA ASN B 37 28.69 -10.00 -16.93
C ASN B 37 28.38 -10.65 -18.28
N ASP B 38 27.21 -11.28 -18.40
CA ASP B 38 26.69 -11.73 -19.69
C ASP B 38 25.32 -11.06 -19.95
N TRP B 39 25.00 -10.06 -19.13
CA TRP B 39 23.79 -9.25 -19.26
C TRP B 39 24.10 -7.97 -20.05
N THR B 40 23.09 -7.37 -20.66
CA THR B 40 23.28 -6.14 -21.44
C THR B 40 22.49 -4.97 -20.87
N LEU B 41 23.16 -3.82 -20.75
CA LEU B 41 22.57 -2.62 -20.14
C LEU B 41 22.18 -1.57 -21.18
N ILE B 42 20.88 -1.47 -21.45
CA ILE B 42 20.34 -0.56 -22.47
C ILE B 42 20.07 0.81 -21.85
N SER B 43 20.40 1.87 -22.58
CA SER B 43 20.21 3.24 -22.11
C SER B 43 18.73 3.61 -21.96
N ALA B 44 18.07 3.82 -23.10
CA ALA B 44 16.60 4.06 -23.22
C ALA B 44 16.08 5.46 -22.87
N SER B 45 16.46 6.01 -21.72
CA SER B 45 15.87 7.22 -21.14
C SER B 45 14.59 6.92 -20.34
N SER B 46 14.38 7.69 -19.28
CA SER B 46 13.32 7.44 -18.29
C SER B 46 11.91 7.25 -18.85
N ALA B 47 11.47 8.14 -19.74
CA ALA B 47 10.13 8.06 -20.33
C ALA B 47 9.89 6.72 -21.01
N ALA B 48 10.88 6.28 -21.79
CA ALA B 48 10.85 4.99 -22.45
C ALA B 48 10.80 3.84 -21.44
N MET B 49 11.64 3.92 -20.41
CA MET B 49 11.76 2.87 -19.39
C MET B 49 10.41 2.40 -18.83
N THR B 50 9.52 3.35 -18.56
CA THR B 50 8.20 3.03 -18.01
C THR B 50 7.25 2.47 -19.06
N ALA B 51 7.36 2.96 -20.29
CA ALA B 51 6.54 2.46 -21.40
C ALA B 51 6.96 1.03 -21.74
N THR B 52 8.26 0.77 -21.68
CA THR B 52 8.82 -0.57 -21.85
C THR B 52 8.31 -1.48 -20.72
N LEU B 53 8.28 -0.94 -19.49
CA LEU B 53 7.76 -1.64 -18.32
C LEU B 53 6.28 -1.95 -18.44
N LYS B 54 5.50 -1.00 -18.96
CA LYS B 54 4.06 -1.23 -19.14
C LYS B 54 3.87 -2.46 -20.00
N LYS B 55 4.52 -2.49 -21.15
CA LYS B 55 4.35 -3.54 -22.15
C LYS B 55 4.55 -4.94 -21.55
N SER B 56 5.70 -5.15 -20.91
CA SER B 56 6.07 -6.46 -20.35
C SER B 56 5.16 -6.95 -19.20
N TYR B 57 4.80 -6.04 -18.27
CA TYR B 57 3.91 -6.36 -17.14
C TYR B 57 2.51 -6.74 -17.63
N ASP B 58 1.97 -5.92 -18.53
CA ASP B 58 0.66 -6.18 -19.13
C ASP B 58 0.60 -7.60 -19.67
N ARG B 59 1.68 -8.02 -20.33
CA ARG B 59 1.77 -9.34 -20.93
C ARG B 59 2.35 -10.40 -19.99
N LYS B 60 2.63 -10.01 -18.74
CA LYS B 60 3.28 -10.89 -17.74
C LYS B 60 4.58 -11.53 -18.24
N LYS B 61 5.37 -10.72 -18.95
CA LYS B 61 6.69 -11.10 -19.44
C LYS B 61 7.77 -10.67 -18.45
N PRO B 62 8.83 -11.48 -18.29
CA PRO B 62 9.95 -11.10 -17.42
C PRO B 62 10.65 -9.82 -17.91
N ILE B 63 11.11 -9.02 -16.94
CA ILE B 63 11.68 -7.70 -17.19
C ILE B 63 12.47 -7.20 -15.97
N ILE B 64 13.70 -6.75 -16.20
CA ILE B 64 14.51 -6.14 -15.14
C ILE B 64 14.75 -4.68 -15.47
N ILE B 65 14.37 -3.79 -14.56
CA ILE B 65 14.51 -2.35 -14.76
C ILE B 65 15.48 -1.76 -13.74
N THR B 66 15.95 -0.54 -14.01
CA THR B 66 16.72 0.22 -13.03
C THR B 66 15.77 1.20 -12.33
N GLY B 67 15.35 0.84 -11.12
CA GLY B 67 14.31 1.60 -10.43
C GLY B 67 14.69 2.27 -9.13
N TRP B 68 14.12 3.45 -8.93
CA TRP B 68 14.28 4.20 -7.69
C TRP B 68 12.93 4.50 -7.05
N THR B 69 12.99 4.72 -5.74
CA THR B 69 11.86 5.23 -4.99
C THR B 69 12.21 6.66 -4.54
N PRO B 70 11.26 7.62 -4.63
CA PRO B 70 9.85 7.49 -5.00
C PRO B 70 9.60 7.46 -6.50
N HIS B 71 8.52 6.77 -6.89
CA HIS B 71 8.12 6.65 -8.29
C HIS B 71 6.71 6.08 -8.34
N TRP B 72 5.84 6.76 -9.09
CA TRP B 72 4.47 6.35 -9.30
C TRP B 72 4.36 4.89 -9.76
N MET B 73 5.47 4.34 -10.25
CA MET B 73 5.58 2.92 -10.63
C MET B 73 4.97 1.97 -9.60
N PHE B 74 5.40 2.09 -8.36
CA PHE B 74 5.05 1.13 -7.30
C PHE B 74 3.58 1.19 -6.89
N SER B 75 2.93 2.32 -7.15
CA SER B 75 1.50 2.48 -6.85
C SER B 75 0.62 1.87 -7.95
N ARG B 76 1.15 1.84 -9.17
CA ARG B 76 0.40 1.37 -10.32
C ARG B 76 0.65 -0.09 -10.70
N TYR B 77 1.86 -0.58 -10.41
CA TYR B 77 2.21 -1.97 -10.67
C TYR B 77 2.66 -2.61 -9.37
N LYS B 78 2.39 -3.91 -9.23
CA LYS B 78 2.92 -4.66 -8.08
C LYS B 78 4.37 -5.07 -8.31
N LEU B 79 5.30 -4.36 -7.64
CA LEU B 79 6.73 -4.47 -7.95
C LEU B 79 7.58 -4.73 -6.72
N LYS B 80 8.81 -5.18 -6.95
CA LYS B 80 9.75 -5.46 -5.89
C LYS B 80 11.21 -5.23 -6.27
N TYR B 81 12.00 -4.79 -5.28
CA TYR B 81 13.44 -4.74 -5.38
C TYR B 81 14.02 -6.16 -5.19
N LEU B 82 15.31 -6.30 -5.46
CA LEU B 82 16.00 -7.57 -5.31
C LEU B 82 17.15 -7.38 -4.34
N ASP B 83 17.38 -8.38 -3.47
CA ASP B 83 18.48 -8.34 -2.52
C ASP B 83 19.74 -7.80 -3.18
N ASP B 84 20.38 -6.84 -2.50
CA ASP B 84 21.67 -6.30 -2.94
C ASP B 84 22.73 -6.55 -1.85
N PRO B 85 23.04 -7.85 -1.56
CA PRO B 85 23.79 -8.25 -0.35
C PRO B 85 25.23 -7.74 -0.20
N LYS B 86 25.87 -7.30 -1.29
CA LYS B 86 27.16 -6.63 -1.19
C LYS B 86 27.00 -5.12 -0.96
N GLN B 87 25.75 -4.66 -1.10
CA GLN B 87 25.39 -3.24 -1.00
C GLN B 87 26.05 -2.44 -2.10
N SER B 88 26.04 -3.01 -3.30
CA SER B 88 26.62 -2.39 -4.49
C SER B 88 25.89 -1.12 -4.86
N TYR B 89 24.61 -1.05 -4.50
CA TYR B 89 23.80 0.15 -4.71
C TYR B 89 23.92 1.14 -3.56
N GLY B 90 24.89 0.91 -2.67
CA GLY B 90 25.12 1.78 -1.52
C GLY B 90 24.02 1.71 -0.47
N SER B 91 24.11 2.57 0.52
CA SER B 91 23.13 2.62 1.63
C SER B 91 22.80 4.06 2.06
N ALA B 92 21.55 4.24 2.51
CA ALA B 92 21.05 5.51 3.09
C ALA B 92 21.14 6.72 2.16
N GLU B 93 20.37 6.72 1.09
CA GLU B 93 20.45 7.79 0.11
C GLU B 93 19.43 8.89 0.41
N GLU B 94 19.72 10.10 -0.08
CA GLU B 94 18.89 11.28 0.17
C GLU B 94 18.72 12.14 -1.09
N ILE B 95 17.66 12.95 -1.13
CA ILE B 95 17.54 14.01 -2.15
C ILE B 95 17.99 15.33 -1.50
N HIS B 96 18.64 16.18 -2.29
CA HIS B 96 19.25 17.40 -1.76
C HIS B 96 18.91 18.65 -2.55
N THR B 97 18.91 19.78 -1.84
CA THR B 97 18.76 21.09 -2.46
C THR B 97 20.12 21.76 -2.56
N ILE B 98 20.49 22.14 -3.78
CA ILE B 98 21.81 22.71 -4.05
C ILE B 98 21.72 24.04 -4.81
N THR B 99 22.64 24.95 -4.47
CA THR B 99 22.64 26.29 -5.04
C THR B 99 24.03 26.70 -5.48
N ARG B 100 24.10 27.63 -6.43
CA ARG B 100 25.38 28.13 -6.91
C ARG B 100 26.09 28.86 -5.78
N LYS B 101 27.40 29.06 -5.93
CA LYS B 101 28.19 29.79 -4.94
C LYS B 101 27.65 31.19 -4.68
N GLY B 102 27.53 31.52 -3.40
CA GLY B 102 27.15 32.86 -2.96
C GLY B 102 25.68 33.17 -3.10
N PHE B 103 24.88 32.15 -3.43
CA PHE B 103 23.44 32.33 -3.63
C PHE B 103 22.73 32.84 -2.38
N SER B 104 23.16 32.37 -1.20
CA SER B 104 22.60 32.84 0.07
C SER B 104 22.72 34.36 0.24
N LYS B 105 23.82 34.92 -0.23
CA LYS B 105 24.10 36.34 -0.06
C LYS B 105 23.10 37.26 -0.80
N GLU B 106 22.66 36.84 -1.99
CA GLU B 106 21.88 37.70 -2.89
C GLU B 106 20.36 37.51 -2.78
N GLN B 107 19.95 36.27 -2.52
CA GLN B 107 18.54 35.98 -2.28
C GLN B 107 18.35 35.15 -1.01
N PRO B 108 18.64 35.75 0.18
CA PRO B 108 18.57 35.01 1.45
C PRO B 108 17.14 34.60 1.83
N ASN B 109 16.16 35.20 1.15
CA ASN B 109 14.76 34.83 1.31
C ASN B 109 14.47 33.51 0.60
N ALA B 110 14.80 33.45 -0.69
CA ALA B 110 14.57 32.26 -1.51
C ALA B 110 15.44 31.08 -1.06
N ALA B 111 16.57 31.38 -0.42
CA ALA B 111 17.42 30.36 0.20
C ALA B 111 16.70 29.75 1.41
N LYS B 112 16.27 30.60 2.34
CA LYS B 112 15.60 30.17 3.56
C LYS B 112 14.30 29.44 3.24
N LEU B 113 13.71 29.73 2.09
CA LEU B 113 12.55 28.99 1.62
C LEU B 113 13.01 27.57 1.26
N LEU B 114 13.99 27.50 0.36
CA LEU B 114 14.57 26.24 -0.08
C LEU B 114 15.17 25.43 1.07
N SER B 115 16.04 26.07 1.86
CA SER B 115 16.74 25.41 2.95
C SER B 115 15.79 24.62 3.85
N GLN B 116 14.51 24.99 3.81
CA GLN B 116 13.50 24.40 4.68
C GLN B 116 12.45 23.57 3.92
N PHE B 117 12.70 23.30 2.63
CA PHE B 117 11.81 22.45 1.80
C PHE B 117 12.00 20.96 2.12
N LYS B 118 10.88 20.30 2.39
CA LYS B 118 10.84 18.96 2.98
C LYS B 118 9.56 18.26 2.53
N TRP B 119 9.62 16.94 2.33
CA TRP B 119 8.42 16.10 2.13
C TRP B 119 8.70 14.61 1.97
N THR B 120 7.71 13.77 2.29
CA THR B 120 7.82 12.31 2.17
C THR B 120 7.44 11.81 0.78
N GLN B 121 7.72 10.53 0.51
CA GLN B 121 7.40 9.92 -0.80
C GLN B 121 5.92 9.93 -1.09
N ASP B 122 5.14 9.69 -0.03
CA ASP B 122 3.67 9.61 -0.08
C ASP B 122 2.99 10.83 -0.73
N GLU B 123 3.64 11.99 -0.61
CA GLU B 123 3.07 13.26 -1.06
C GLU B 123 3.55 13.63 -2.44
N MET B 124 4.75 13.18 -2.79
CA MET B 124 5.27 13.33 -4.13
C MET B 124 4.53 12.39 -5.08
N GLY B 125 4.08 11.24 -4.55
CA GLY B 125 3.25 10.30 -5.29
C GLY B 125 2.01 10.98 -5.86
N GLU B 126 1.31 11.72 -5.00
CA GLU B 126 0.20 12.60 -5.37
C GLU B 126 0.42 13.29 -6.72
N ILE B 127 1.57 13.96 -6.84
CA ILE B 127 1.89 14.77 -8.01
C ILE B 127 2.37 13.89 -9.17
N MET B 128 3.24 12.93 -8.87
CA MET B 128 3.79 12.01 -9.87
C MET B 128 2.69 11.25 -10.60
N ILE B 129 1.72 10.73 -9.85
CA ILE B 129 0.58 10.01 -10.43
C ILE B 129 -0.26 10.96 -11.29
N LYS B 130 -0.61 12.11 -10.74
CA LYS B 130 -1.40 13.10 -11.46
C LYS B 130 -0.74 13.52 -12.76
N VAL B 131 0.57 13.77 -12.70
CA VAL B 131 1.37 14.08 -13.89
C VAL B 131 1.42 12.89 -14.84
N GLU B 132 1.54 11.68 -14.28
CA GLU B 132 1.52 10.44 -15.08
C GLU B 132 0.17 10.19 -15.73
N GLU B 133 -0.90 10.67 -15.10
CA GLU B 133 -2.25 10.61 -15.65
C GLU B 133 -2.32 11.38 -16.97
N GLY B 134 -1.52 12.44 -17.05
CA GLY B 134 -1.44 13.30 -18.23
C GLY B 134 -1.74 14.76 -17.92
N GLU B 135 -1.68 15.13 -16.64
CA GLU B 135 -2.06 16.46 -16.19
C GLU B 135 -0.87 17.38 -15.88
N LYS B 136 -0.86 18.54 -16.54
CA LYS B 136 0.26 19.49 -16.51
C LYS B 136 0.82 19.68 -15.10
N PRO B 137 2.16 19.53 -14.94
CA PRO B 137 2.81 19.58 -13.62
C PRO B 137 2.83 20.97 -13.00
N ALA B 138 2.93 22.00 -13.84
CA ALA B 138 3.00 23.38 -13.37
C ALA B 138 1.73 23.81 -12.67
N LYS B 139 0.60 23.42 -13.24
CA LYS B 139 -0.70 23.78 -12.67
C LYS B 139 -1.44 22.59 -12.08
N VAL B 140 -0.69 21.57 -11.68
CA VAL B 140 -1.20 20.56 -10.74
C VAL B 140 -0.57 20.83 -9.37
N ALA B 141 0.63 21.40 -9.40
CA ALA B 141 1.36 21.77 -8.19
C ALA B 141 0.64 22.87 -7.42
N ALA B 142 -0.33 23.48 -8.09
CA ALA B 142 -1.21 24.44 -7.46
C ALA B 142 -2.22 23.70 -6.59
N GLU B 143 -2.84 22.65 -7.14
CA GLU B 143 -3.84 21.87 -6.40
C GLU B 143 -3.25 21.42 -5.08
N TYR B 144 -2.01 20.94 -5.14
CA TYR B 144 -1.28 20.50 -3.97
C TYR B 144 -1.23 21.60 -2.90
N VAL B 145 -0.90 22.82 -3.34
CA VAL B 145 -0.79 23.97 -2.43
C VAL B 145 -2.15 24.32 -1.81
N ASN B 146 -3.23 23.94 -2.48
CA ASN B 146 -4.57 24.14 -1.91
C ASN B 146 -5.09 22.95 -1.12
N LYS B 147 -4.63 21.74 -1.45
CA LYS B 147 -5.00 20.53 -0.69
C LYS B 147 -4.26 20.53 0.64
N HIS B 148 -2.93 20.57 0.56
CA HIS B 148 -2.07 20.76 1.72
C HIS B 148 -2.04 22.26 2.03
N LYS B 149 -1.87 22.60 3.29
CA LYS B 149 -1.75 24.00 3.71
C LYS B 149 -0.76 24.21 4.86
N ASP B 150 -0.85 23.35 5.88
CA ASP B 150 0.11 23.35 6.99
C ASP B 150 1.54 23.31 6.46
N GLN B 151 1.73 22.52 5.41
CA GLN B 151 3.04 22.25 4.82
C GLN B 151 3.64 23.49 4.14
N ILE B 152 2.85 24.17 3.32
CA ILE B 152 3.29 25.37 2.60
C ILE B 152 3.49 26.55 3.57
N ALA B 153 2.83 26.47 4.73
CA ALA B 153 3.07 27.38 5.84
C ALA B 153 4.45 27.14 6.46
N GLU B 154 4.82 25.86 6.62
CA GLU B 154 6.13 25.47 7.15
C GLU B 154 7.24 25.69 6.12
N TRP B 155 6.95 25.31 4.87
CA TRP B 155 7.85 25.56 3.75
C TRP B 155 8.26 27.03 3.67
N THR B 156 7.30 27.92 3.86
CA THR B 156 7.54 29.37 3.79
C THR B 156 7.36 30.08 5.14
N LYS B 157 7.78 29.42 6.23
CA LYS B 157 7.83 30.07 7.54
C LYS B 157 8.94 31.14 7.57
N GLY B 158 8.56 32.34 8.01
CA GLY B 158 9.49 33.48 8.11
C GLY B 158 9.90 34.03 6.76
N VAL B 159 9.10 33.76 5.74
CA VAL B 159 9.49 34.05 4.35
C VAL B 159 8.71 35.24 3.77
N GLN B 160 9.45 36.34 3.61
CA GLN B 160 8.94 37.61 3.07
C GLN B 160 8.68 37.56 1.56
N LYS B 161 7.43 37.81 1.18
CA LYS B 161 7.01 37.95 -0.22
C LYS B 161 7.84 39.05 -0.87
N VAL B 162 8.24 38.84 -2.12
CA VAL B 162 9.15 39.78 -2.80
C VAL B 162 8.51 40.49 -3.98
N LYS B 163 9.18 41.53 -4.46
CA LYS B 163 8.80 42.18 -5.69
C LYS B 163 9.87 41.94 -6.77
N GLY B 164 9.48 41.23 -7.83
CA GLY B 164 10.28 41.13 -9.05
C GLY B 164 11.38 40.08 -9.18
N ASP B 165 11.96 39.68 -8.05
CA ASP B 165 13.18 38.85 -8.04
C ASP B 165 13.19 37.61 -8.96
N LYS B 166 14.24 37.47 -9.77
CA LYS B 166 14.40 36.28 -10.61
C LYS B 166 15.07 35.15 -9.82
N ILE B 167 15.12 33.97 -10.43
CA ILE B 167 15.77 32.79 -9.84
C ILE B 167 15.52 31.55 -10.70
N ASN B 168 16.55 31.11 -11.42
CA ASN B 168 16.45 29.96 -12.32
C ASN B 168 16.61 28.62 -11.62
N LEU B 169 15.51 27.87 -11.53
CA LEU B 169 15.52 26.50 -11.03
C LEU B 169 15.89 25.52 -12.12
N ALA B 170 16.83 24.64 -11.80
CA ALA B 170 17.24 23.59 -12.70
C ALA B 170 16.80 22.22 -12.17
N TYR B 171 16.33 21.38 -13.08
CA TYR B 171 16.00 20.01 -12.74
C TYR B 171 16.47 19.07 -13.86
N VAL B 172 16.49 17.78 -13.55
CA VAL B 172 16.66 16.76 -14.57
C VAL B 172 15.31 16.06 -14.76
N ALA B 173 15.01 15.68 -16.01
CA ALA B 173 13.68 15.19 -16.36
C ALA B 173 13.32 13.81 -15.79
N TRP B 174 13.57 13.63 -14.49
CA TRP B 174 13.07 12.49 -13.73
C TRP B 174 11.77 12.90 -13.10
N ASP B 175 10.79 12.00 -13.05
CA ASP B 175 9.46 12.35 -12.57
C ASP B 175 9.51 12.89 -11.15
N SER B 176 10.21 12.17 -10.28
CA SER B 176 10.41 12.59 -8.89
C SER B 176 10.92 14.03 -8.79
N GLU B 177 11.73 14.42 -9.78
CA GLU B 177 12.28 15.76 -9.85
C GLU B 177 11.58 16.65 -10.86
N ILE B 178 10.64 16.08 -11.63
CA ILE B 178 9.72 16.90 -12.43
C ILE B 178 8.54 17.21 -11.52
N ALA B 179 8.37 16.39 -10.50
CA ALA B 179 7.36 16.59 -9.48
C ALA B 179 7.77 17.74 -8.56
N SER B 180 8.86 17.53 -7.83
CA SER B 180 9.31 18.41 -6.74
C SER B 180 9.57 19.86 -7.15
N THR B 181 10.17 20.07 -8.32
CA THR B 181 10.54 21.42 -8.76
C THR B 181 9.32 22.23 -9.20
N ASN B 182 8.34 21.56 -9.82
CA ASN B 182 7.09 22.23 -10.16
C ASN B 182 6.23 22.55 -8.92
N VAL B 183 6.51 21.87 -7.80
CA VAL B 183 5.89 22.24 -6.52
C VAL B 183 6.56 23.49 -5.98
N ILE B 184 7.88 23.45 -5.86
CA ILE B 184 8.68 24.58 -5.41
C ILE B 184 8.53 25.77 -6.35
N GLY B 185 8.51 25.49 -7.65
CA GLY B 185 8.31 26.50 -8.71
C GLY B 185 6.95 27.18 -8.69
N LYS B 186 5.96 26.47 -8.16
CA LYS B 186 4.66 27.05 -7.86
C LYS B 186 4.52 27.26 -6.33
N VAL B 187 5.57 27.85 -5.75
CA VAL B 187 5.59 28.32 -4.36
C VAL B 187 6.45 29.58 -4.32
N LEU B 188 7.33 29.72 -5.29
CA LEU B 188 8.05 30.97 -5.49
C LEU B 188 7.21 31.90 -6.36
N GLU B 189 6.48 31.30 -7.30
CA GLU B 189 5.59 32.01 -8.22
C GLU B 189 4.41 32.67 -7.48
N ASP B 190 4.13 32.21 -6.26
CA ASP B 190 3.08 32.80 -5.45
C ASP B 190 3.58 33.92 -4.55
N LEU B 191 4.91 34.01 -4.41
CA LEU B 191 5.52 34.97 -3.48
C LEU B 191 6.23 36.13 -4.19
N GLY B 192 6.01 36.24 -5.49
CA GLY B 192 6.58 37.34 -6.28
C GLY B 192 7.45 36.89 -7.43
N TYR B 193 8.42 36.03 -7.12
CA TYR B 193 9.46 35.61 -8.06
C TYR B 193 8.95 35.25 -9.47
N GLU B 194 9.67 35.67 -10.50
CA GLU B 194 9.36 35.22 -11.87
C GLU B 194 10.18 33.96 -12.20
N VAL B 195 9.50 32.81 -12.14
CA VAL B 195 10.14 31.49 -12.28
C VAL B 195 10.55 31.09 -13.70
N THR B 196 11.77 30.55 -13.81
CA THR B 196 12.20 29.82 -15.00
C THR B 196 12.52 28.37 -14.64
N LEU B 197 12.12 27.44 -15.50
CA LEU B 197 12.49 26.05 -15.34
C LEU B 197 13.46 25.64 -16.43
N THR B 198 14.72 25.42 -16.05
CA THR B 198 15.72 24.95 -17.01
C THR B 198 15.88 23.43 -16.96
N GLN B 199 15.58 22.79 -18.09
CA GLN B 199 15.72 21.37 -18.28
C GLN B 199 17.15 21.06 -18.71
N VAL B 200 17.89 20.38 -17.82
CA VAL B 200 19.26 19.93 -18.11
C VAL B 200 19.52 18.51 -17.61
N GLU B 201 20.61 17.91 -18.07
CA GLU B 201 20.96 16.53 -17.77
C GLU B 201 21.85 16.41 -16.54
N ALA B 202 21.83 15.22 -15.93
CA ALA B 202 22.72 14.90 -14.81
C ALA B 202 24.16 15.11 -15.25
N GLY B 203 24.85 16.00 -14.56
CA GLY B 203 26.17 16.41 -14.96
C GLY B 203 26.07 17.87 -15.36
N PRO B 204 25.69 18.14 -16.63
CA PRO B 204 25.30 19.49 -17.05
C PRO B 204 24.51 20.27 -15.98
N MET B 205 23.74 19.55 -15.16
CA MET B 205 23.00 20.12 -14.03
C MET B 205 23.95 20.54 -12.90
N TRP B 206 24.90 19.68 -12.56
CA TRP B 206 25.93 20.00 -11.58
C TRP B 206 26.88 21.07 -12.12
N THR B 207 27.09 21.06 -13.44
CA THR B 207 27.92 22.05 -14.13
C THR B 207 27.27 23.43 -14.06
N ALA B 208 26.15 23.62 -14.76
CA ALA B 208 25.42 24.89 -14.79
C ALA B 208 25.46 25.66 -13.48
N ILE B 209 25.24 24.94 -12.37
CA ILE B 209 25.18 25.57 -11.04
C ILE B 209 26.57 25.88 -10.47
N ALA B 210 27.54 24.99 -10.73
CA ALA B 210 28.91 25.18 -10.25
C ALA B 210 29.60 26.33 -10.97
N THR B 211 29.02 26.73 -12.10
CA THR B 211 29.43 27.95 -12.84
C THR B 211 28.33 29.01 -12.74
N GLY B 212 27.28 28.70 -11.99
CA GLY B 212 26.24 29.66 -11.63
C GLY B 212 25.44 30.24 -12.77
N SER B 213 25.39 29.50 -13.88
CA SER B 213 24.50 29.85 -14.99
C SER B 213 23.06 29.59 -14.57
N ALA B 214 22.89 28.55 -13.74
CA ALA B 214 21.64 28.32 -13.03
C ALA B 214 21.85 28.74 -11.57
N ASP B 215 20.77 28.88 -10.82
CA ASP B 215 20.86 29.36 -9.43
C ASP B 215 20.59 28.31 -8.37
N ALA B 216 19.52 27.54 -8.52
CA ALA B 216 19.15 26.52 -7.54
C ALA B 216 18.63 25.21 -8.15
N SER B 217 18.66 24.14 -7.36
CA SER B 217 18.17 22.83 -7.80
C SER B 217 17.86 21.84 -6.68
N LEU B 218 16.95 20.92 -6.97
CA LEU B 218 16.58 19.84 -6.04
C LEU B 218 16.66 18.49 -6.76
N SER B 219 17.59 18.37 -7.70
CA SER B 219 17.80 17.14 -8.46
C SER B 219 19.01 16.36 -7.93
N ALA B 220 19.51 16.76 -6.76
CA ALA B 220 20.68 16.12 -6.18
C ALA B 220 20.29 14.91 -5.37
N TRP B 221 20.92 13.77 -5.67
CA TRP B 221 20.81 12.56 -4.85
C TRP B 221 22.19 12.26 -4.30
N LEU B 222 22.31 12.20 -2.98
CA LEU B 222 23.63 11.99 -2.35
C LEU B 222 23.56 11.11 -1.09
N PRO B 223 24.72 10.62 -0.60
CA PRO B 223 26.08 10.79 -1.13
C PRO B 223 26.51 9.86 -2.28
N ASN B 224 26.04 8.61 -2.29
CA ASN B 224 26.59 7.60 -3.20
C ASN B 224 26.30 7.77 -4.68
N THR B 225 25.03 8.02 -5.01
CA THR B 225 24.58 8.07 -6.40
C THR B 225 25.04 9.30 -7.20
N HIS B 226 25.59 10.29 -6.51
CA HIS B 226 26.31 11.36 -7.22
C HIS B 226 27.70 11.57 -6.64
N LYS B 227 28.25 10.53 -6.01
CA LYS B 227 29.58 10.58 -5.42
C LYS B 227 30.58 11.28 -6.33
N ALA B 228 30.55 10.91 -7.61
CA ALA B 228 31.46 11.46 -8.63
C ALA B 228 31.16 12.92 -8.97
N TYR B 229 29.87 13.24 -9.10
CA TYR B 229 29.44 14.58 -9.48
C TYR B 229 29.68 15.59 -8.35
N ALA B 230 29.55 15.14 -7.10
CA ALA B 230 29.86 15.97 -5.96
C ALA B 230 31.37 16.19 -5.81
N ALA B 231 32.16 15.17 -6.14
CA ALA B 231 33.61 15.27 -5.98
C ALA B 231 34.22 16.26 -6.97
N LYS B 232 33.82 16.15 -8.24
CA LYS B 232 34.30 17.06 -9.29
C LYS B 232 34.06 18.52 -8.90
N TYR B 233 32.89 18.76 -8.32
CA TYR B 233 32.56 20.09 -7.82
C TYR B 233 32.65 20.12 -6.30
N LYS B 234 33.88 20.01 -5.80
CA LYS B 234 34.18 19.92 -4.37
C LYS B 234 33.58 21.08 -3.57
N GLY B 235 34.17 22.27 -3.69
CA GLY B 235 33.71 23.45 -2.96
C GLY B 235 33.35 24.57 -3.90
N LYS B 236 32.37 24.32 -4.77
CA LYS B 236 31.88 25.32 -5.70
C LYS B 236 30.36 25.22 -5.87
N TYR B 237 29.71 24.70 -4.84
CA TYR B 237 28.25 24.71 -4.72
C TYR B 237 27.81 24.79 -3.25
N ASP B 238 26.58 25.21 -3.02
CA ASP B 238 26.02 25.33 -1.67
C ASP B 238 24.87 24.33 -1.44
N ASP B 239 25.20 23.25 -0.73
CA ASP B 239 24.27 22.17 -0.36
C ASP B 239 23.55 22.51 0.96
N ILE B 240 22.35 23.06 0.85
CA ILE B 240 21.67 23.62 2.03
C ILE B 240 20.55 22.77 2.64
N GLY B 241 19.81 22.04 1.81
CA GLY B 241 18.61 21.33 2.27
C GLY B 241 18.43 19.89 1.85
N THR B 242 17.75 19.12 2.70
CA THR B 242 17.41 17.72 2.45
C THR B 242 15.90 17.60 2.32
N SER B 243 15.43 17.32 1.11
CA SER B 243 14.00 17.16 0.82
C SER B 243 13.46 15.83 1.30
N MET B 244 14.26 14.77 1.16
CA MET B 244 13.83 13.41 1.49
C MET B 244 14.99 12.52 1.94
N THR B 245 14.72 11.71 2.97
CA THR B 245 15.69 10.77 3.56
C THR B 245 15.35 9.33 3.19
N GLY B 246 16.34 8.44 3.29
CA GLY B 246 16.14 7.00 3.12
C GLY B 246 15.49 6.56 1.81
N VAL B 247 16.04 7.02 0.70
CA VAL B 247 15.50 6.66 -0.61
C VAL B 247 16.23 5.47 -1.22
N LYS B 248 15.47 4.47 -1.66
CA LYS B 248 16.05 3.27 -2.23
C LYS B 248 16.24 3.36 -3.76
N MET B 249 17.20 2.58 -4.25
CA MET B 249 17.50 2.47 -5.67
C MET B 249 18.14 1.10 -5.96
N GLY B 250 17.79 0.51 -7.10
CA GLY B 250 18.35 -0.78 -7.49
C GLY B 250 17.69 -1.40 -8.70
N LEU B 251 17.73 -2.73 -8.79
CA LEU B 251 17.11 -3.45 -9.90
C LEU B 251 15.74 -3.97 -9.49
N VAL B 252 14.72 -3.52 -10.21
CA VAL B 252 13.34 -3.76 -9.82
C VAL B 252 12.68 -4.68 -10.83
N VAL B 253 12.00 -5.71 -10.32
CA VAL B 253 11.27 -6.64 -11.17
C VAL B 253 9.81 -6.77 -10.71
N PRO B 254 8.89 -7.09 -11.64
CA PRO B 254 7.50 -7.40 -11.27
C PRO B 254 7.39 -8.42 -10.15
N GLN B 255 6.30 -8.33 -9.38
CA GLN B 255 6.10 -9.20 -8.22
C GLN B 255 5.79 -10.66 -8.58
N TYR B 256 5.13 -10.87 -9.72
CA TYR B 256 4.77 -12.21 -10.19
C TYR B 256 5.99 -13.10 -10.56
N MET B 257 7.16 -12.49 -10.72
CA MET B 257 8.42 -13.22 -10.85
C MET B 257 8.85 -13.75 -9.49
N LYS B 258 7.97 -14.55 -8.88
CA LYS B 258 8.14 -15.07 -7.52
C LYS B 258 9.28 -16.07 -7.39
N ASN B 259 10.22 -16.01 -8.33
CA ASN B 259 11.39 -16.88 -8.32
C ASN B 259 12.70 -16.10 -8.26
N VAL B 260 12.61 -14.78 -8.51
CA VAL B 260 13.75 -13.88 -8.48
C VAL B 260 13.66 -12.91 -7.29
N ASN B 261 14.62 -13.02 -6.37
CA ASN B 261 14.59 -12.24 -5.13
C ASN B 261 15.93 -11.66 -4.72
N SER B 262 16.99 -12.43 -4.91
CA SER B 262 18.34 -11.88 -4.83
C SER B 262 18.69 -11.41 -6.25
N ILE B 263 19.65 -10.49 -6.36
CA ILE B 263 20.17 -10.11 -7.67
C ILE B 263 20.65 -11.39 -8.36
N GLU B 264 21.35 -12.22 -7.60
CA GLU B 264 21.97 -13.47 -8.07
C GLU B 264 21.06 -14.39 -8.92
N ASP B 265 19.78 -14.49 -8.56
CA ASP B 265 18.80 -15.36 -9.25
C ASP B 265 18.69 -15.09 -10.76
N LEU B 266 19.20 -13.94 -11.20
CA LEU B 266 19.27 -13.61 -12.61
C LEU B 266 20.15 -14.60 -13.35
N LYS B 267 21.21 -15.05 -12.68
CA LYS B 267 22.06 -16.10 -13.21
C LYS B 267 21.59 -17.48 -12.71
N LYS B 268 20.33 -17.77 -12.96
CA LYS B 268 19.75 -19.07 -12.67
C LYS B 268 18.83 -19.51 -13.81
N ASN C 11 -23.00 14.54 -4.40
CA ASN C 11 -22.26 13.24 -4.31
C ASN C 11 -21.53 13.02 -2.97
N LYS C 12 -22.31 12.81 -1.92
CA LYS C 12 -21.77 12.34 -0.64
C LYS C 12 -21.82 10.83 -0.72
N THR C 13 -20.71 10.16 -0.41
CA THR C 13 -20.55 8.76 -0.77
C THR C 13 -19.80 7.89 0.26
N ILE C 14 -20.48 6.85 0.74
CA ILE C 14 -19.83 5.79 1.50
C ILE C 14 -19.78 4.52 0.67
N ILE C 15 -18.57 4.13 0.31
CA ILE C 15 -18.33 2.95 -0.52
C ILE C 15 -18.34 1.66 0.31
N GLY C 16 -19.14 0.69 -0.13
CA GLY C 16 -19.35 -0.54 0.63
C GLY C 16 -19.08 -1.86 -0.10
N ILE C 17 -19.59 -2.94 0.47
CA ILE C 17 -19.35 -4.30 -0.03
C ILE C 17 -20.66 -4.96 -0.47
N ASP C 18 -20.62 -6.29 -0.65
CA ASP C 18 -21.80 -7.09 -0.95
C ASP C 18 -23.03 -6.66 -0.12
N PRO C 19 -24.23 -6.69 -0.73
CA PRO C 19 -25.40 -6.13 -0.07
C PRO C 19 -26.05 -7.08 0.94
N GLY C 20 -25.83 -8.38 0.79
CA GLY C 20 -26.33 -9.36 1.74
C GLY C 20 -25.60 -9.32 3.06
N SER C 21 -24.52 -8.54 3.11
CA SER C 21 -23.65 -8.47 4.28
C SER C 21 -24.23 -7.64 5.42
N GLY C 22 -23.88 -8.01 6.65
CA GLY C 22 -24.39 -7.37 7.85
C GLY C 22 -23.95 -5.93 8.04
N ILE C 23 -22.68 -5.65 7.74
CA ILE C 23 -22.15 -4.28 7.82
C ILE C 23 -22.77 -3.37 6.75
N MET C 24 -23.34 -3.98 5.71
CA MET C 24 -24.01 -3.26 4.63
C MET C 24 -25.45 -2.97 5.01
N SER C 25 -26.00 -3.82 5.89
CA SER C 25 -27.32 -3.61 6.46
C SER C 25 -27.24 -2.67 7.66
N LEU C 26 -26.24 -2.87 8.52
CA LEU C 26 -26.07 -2.02 9.70
C LEU C 26 -25.68 -0.59 9.34
N THR C 27 -25.14 -0.39 8.14
CA THR C 27 -24.80 0.94 7.62
C THR C 27 -26.09 1.72 7.24
N ASP C 28 -27.15 0.98 6.89
CA ASP C 28 -28.48 1.57 6.72
C ASP C 28 -29.06 2.07 8.05
N LYS C 29 -28.88 1.29 9.11
CA LYS C 29 -29.32 1.71 10.44
C LYS C 29 -28.39 2.76 11.05
N ALA C 30 -27.13 2.75 10.60
CA ALA C 30 -26.18 3.81 10.97
C ALA C 30 -26.52 5.14 10.28
N MET C 31 -26.77 5.09 8.97
CA MET C 31 -27.15 6.28 8.21
C MET C 31 -28.45 6.90 8.72
N LYS C 32 -29.33 6.04 9.24
CA LYS C 32 -30.59 6.49 9.82
C LYS C 32 -30.40 7.15 11.19
N ASP C 33 -29.69 6.48 12.09
CA ASP C 33 -29.39 6.98 13.44
C ASP C 33 -28.70 8.35 13.46
N TYR C 34 -27.93 8.66 12.42
CA TYR C 34 -27.07 9.85 12.42
C TYR C 34 -27.47 10.92 11.41
N ASP C 35 -28.66 10.74 10.81
CA ASP C 35 -29.29 11.75 9.94
C ASP C 35 -28.54 12.00 8.62
N LEU C 36 -27.79 11.00 8.17
CA LEU C 36 -26.92 11.10 6.99
C LEU C 36 -27.67 10.82 5.68
N ASN C 37 -28.68 11.63 5.37
CA ASN C 37 -29.59 11.32 4.26
C ASN C 37 -29.39 12.09 2.94
N ASP C 38 -28.39 12.95 2.89
CA ASP C 38 -27.88 13.44 1.62
C ASP C 38 -26.59 12.69 1.26
N TRP C 39 -26.55 11.43 1.69
CA TRP C 39 -25.42 10.53 1.44
C TRP C 39 -25.85 9.35 0.57
N THR C 40 -24.86 8.62 0.05
CA THR C 40 -25.13 7.43 -0.76
C THR C 40 -24.20 6.27 -0.38
N LEU C 41 -24.78 5.12 -0.07
CA LEU C 41 -24.02 3.91 0.18
C LEU C 41 -23.86 3.13 -1.12
N ILE C 42 -22.66 3.21 -1.71
CA ILE C 42 -22.32 2.52 -2.95
C ILE C 42 -22.13 1.01 -2.70
N SER C 43 -22.90 0.19 -3.41
CA SER C 43 -22.85 -1.28 -3.26
C SER C 43 -21.89 -1.92 -4.26
N ALA C 44 -20.89 -2.63 -3.74
CA ALA C 44 -19.80 -3.16 -4.56
C ALA C 44 -19.48 -4.63 -4.27
N SER C 45 -18.20 -4.97 -4.39
CA SER C 45 -17.64 -6.22 -3.89
C SER C 45 -16.57 -5.88 -2.86
N SER C 46 -15.97 -6.91 -2.25
CA SER C 46 -14.83 -6.68 -1.36
C SER C 46 -13.63 -6.18 -2.17
N ALA C 47 -13.39 -6.81 -3.33
CA ALA C 47 -12.27 -6.45 -4.21
C ALA C 47 -12.38 -5.03 -4.75
N ALA C 48 -13.60 -4.62 -5.10
CA ALA C 48 -13.85 -3.29 -5.67
C ALA C 48 -13.68 -2.16 -4.64
N MET C 49 -14.08 -2.44 -3.40
CA MET C 49 -14.00 -1.50 -2.29
C MET C 49 -12.55 -1.03 -2.04
N THR C 50 -11.65 -1.97 -1.75
CA THR C 50 -10.24 -1.67 -1.48
C THR C 50 -9.47 -1.21 -2.71
N ALA C 51 -9.97 -1.59 -3.89
CA ALA C 51 -9.44 -1.10 -5.15
C ALA C 51 -9.67 0.39 -5.24
N THR C 52 -10.81 0.84 -4.71
CA THR C 52 -11.14 2.27 -4.67
C THR C 52 -10.37 2.96 -3.57
N LEU C 53 -10.23 2.29 -2.42
CA LEU C 53 -9.39 2.82 -1.32
C LEU C 53 -7.95 3.09 -1.81
N LYS C 54 -7.40 2.15 -2.57
CA LYS C 54 -6.13 2.33 -3.27
C LYS C 54 -6.21 3.55 -4.16
N LYS C 55 -7.21 3.58 -5.04
CA LYS C 55 -7.45 4.75 -5.87
C LYS C 55 -8.16 5.86 -5.10
N SER C 56 -7.70 6.08 -3.87
CA SER C 56 -7.94 7.35 -3.19
C SER C 56 -6.74 7.75 -2.34
N TYR C 57 -6.21 6.80 -1.58
CA TYR C 57 -5.31 7.10 -0.47
C TYR C 57 -3.99 7.65 -0.98
N ASP C 58 -3.45 7.02 -2.02
CA ASP C 58 -2.16 7.41 -2.57
C ASP C 58 -2.25 8.73 -3.37
N ARG C 59 -3.48 9.24 -3.49
CA ARG C 59 -3.74 10.57 -4.02
C ARG C 59 -4.10 11.54 -2.88
N LYS C 60 -3.91 11.07 -1.64
CA LYS C 60 -4.33 11.78 -0.41
C LYS C 60 -5.75 12.37 -0.52
N LYS C 61 -6.69 11.52 -0.96
CA LYS C 61 -8.09 11.90 -1.22
C LYS C 61 -9.02 11.51 -0.06
N PRO C 62 -10.08 12.31 0.18
CA PRO C 62 -11.05 11.98 1.22
C PRO C 62 -11.99 10.85 0.78
N ILE C 63 -12.18 9.87 1.64
CA ILE C 63 -13.02 8.69 1.34
C ILE C 63 -13.64 8.07 2.60
N ILE C 64 -14.88 7.61 2.45
CA ILE C 64 -15.56 6.87 3.52
C ILE C 64 -15.89 5.48 3.01
N ILE C 65 -15.27 4.48 3.65
CA ILE C 65 -15.49 3.09 3.29
C ILE C 65 -16.15 2.37 4.45
N THR C 66 -16.79 1.24 4.16
CA THR C 66 -17.25 0.36 5.23
C THR C 66 -16.10 -0.55 5.60
N GLY C 67 -15.41 -0.21 6.69
CA GLY C 67 -14.25 -0.97 7.16
C GLY C 67 -14.61 -1.93 8.27
N TRP C 68 -13.65 -2.79 8.61
CA TRP C 68 -13.80 -3.75 9.72
C TRP C 68 -12.45 -4.36 10.13
N THR C 69 -12.20 -4.44 11.42
CA THR C 69 -11.03 -5.18 11.95
C THR C 69 -11.42 -6.65 12.18
N PRO C 70 -10.59 -7.59 11.72
CA PRO C 70 -9.29 -7.42 11.06
C PRO C 70 -9.40 -7.32 9.54
N HIS C 71 -8.50 -6.51 8.95
CA HIS C 71 -8.36 -6.36 7.51
C HIS C 71 -6.91 -6.00 7.22
N TRP C 72 -6.44 -6.27 6.00
CA TRP C 72 -5.07 -5.91 5.62
C TRP C 72 -4.92 -4.41 5.44
N MET C 73 -6.06 -3.72 5.41
CA MET C 73 -6.13 -2.27 5.28
C MET C 73 -5.30 -1.50 6.31
N PHE C 74 -5.43 -1.87 7.57
CA PHE C 74 -4.77 -1.19 8.69
C PHE C 74 -3.25 -1.34 8.69
N SER C 75 -2.75 -2.17 7.76
CA SER C 75 -1.32 -2.35 7.56
C SER C 75 -0.87 -1.50 6.39
N ARG C 76 -1.50 -1.72 5.23
CA ARG C 76 -1.15 -1.01 4.00
C ARG C 76 -1.42 0.49 4.08
N TYR C 77 -2.32 0.88 5.00
CA TYR C 77 -2.77 2.27 5.11
C TYR C 77 -2.99 2.74 6.55
N LYS C 78 -2.71 4.00 6.79
CA LYS C 78 -3.01 4.65 8.08
C LYS C 78 -4.49 4.98 8.10
N LEU C 79 -5.25 4.28 8.95
CA LEU C 79 -6.72 4.44 8.97
C LEU C 79 -7.27 4.58 10.40
N LYS C 80 -8.48 5.12 10.51
CA LYS C 80 -9.12 5.32 11.81
C LYS C 80 -10.64 5.09 11.79
N TYR C 81 -11.17 4.65 12.92
CA TYR C 81 -12.61 4.49 13.10
C TYR C 81 -13.27 5.80 13.50
N LEU C 82 -14.22 6.24 12.69
CA LEU C 82 -15.10 7.35 13.04
C LEU C 82 -15.99 6.92 14.21
N ASP C 83 -15.86 7.62 15.32
CA ASP C 83 -16.60 7.29 16.55
C ASP C 83 -18.09 7.06 16.31
N ASP C 84 -18.61 6.01 16.96
CA ASP C 84 -20.03 5.67 16.97
C ASP C 84 -20.54 5.88 18.41
N PRO C 85 -20.89 7.14 18.77
CA PRO C 85 -21.37 7.38 20.14
C PRO C 85 -22.68 6.66 20.42
N LYS C 86 -23.56 6.65 19.42
CA LYS C 86 -24.89 6.07 19.55
C LYS C 86 -24.87 4.53 19.53
N GLN C 87 -23.73 3.95 19.20
CA GLN C 87 -23.56 2.51 19.04
C GLN C 87 -24.58 1.94 18.06
N SER C 88 -24.42 2.28 16.78
CA SER C 88 -25.21 1.68 15.71
C SER C 88 -24.65 0.34 15.28
N TYR C 89 -23.36 0.11 15.53
CA TYR C 89 -22.71 -1.13 15.12
C TYR C 89 -22.56 -2.14 16.27
N GLY C 90 -23.04 -1.74 17.44
CA GLY C 90 -22.96 -2.58 18.63
C GLY C 90 -21.55 -2.78 19.15
N SER C 91 -21.44 -3.54 20.24
CA SER C 91 -20.16 -3.92 20.81
C SER C 91 -20.22 -5.38 21.30
N ALA C 92 -19.08 -5.88 21.75
CA ALA C 92 -18.89 -7.31 22.05
C ALA C 92 -19.21 -8.18 20.83
N GLU C 93 -18.70 -7.75 19.68
CA GLU C 93 -18.88 -8.45 18.41
C GLU C 93 -17.77 -9.52 18.18
N GLU C 94 -18.18 -10.71 17.75
CA GLU C 94 -17.27 -11.85 17.61
C GLU C 94 -17.36 -12.51 16.24
N ILE C 95 -16.42 -13.41 15.94
CA ILE C 95 -16.53 -14.25 14.73
C ILE C 95 -16.54 -15.73 15.11
N HIS C 96 -17.60 -16.42 14.70
CA HIS C 96 -17.87 -17.78 15.15
C HIS C 96 -17.66 -18.86 14.08
N THR C 97 -17.39 -20.07 14.58
CA THR C 97 -17.33 -21.28 13.79
C THR C 97 -18.63 -22.04 14.00
N ILE C 98 -19.33 -22.36 12.92
CA ILE C 98 -20.64 -23.00 13.02
C ILE C 98 -20.76 -24.20 12.08
N THR C 99 -21.54 -25.20 12.48
CA THR C 99 -21.78 -26.39 11.65
C THR C 99 -23.26 -26.63 11.37
N ARG C 100 -23.52 -27.48 10.39
CA ARG C 100 -24.83 -28.10 10.19
C ARG C 100 -25.22 -28.80 11.48
N LYS C 101 -26.52 -28.82 11.77
CA LYS C 101 -27.01 -29.45 12.98
C LYS C 101 -26.94 -30.96 12.84
N GLY C 102 -26.45 -31.62 13.88
CA GLY C 102 -26.27 -33.07 13.88
C GLY C 102 -25.01 -33.51 13.16
N PHE C 103 -24.06 -32.58 13.01
CA PHE C 103 -22.78 -32.85 12.34
C PHE C 103 -21.72 -33.30 13.35
N SER C 104 -21.90 -32.89 14.61
CA SER C 104 -21.01 -33.28 15.70
C SER C 104 -21.11 -34.76 16.12
N LYS C 105 -22.21 -35.42 15.73
CA LYS C 105 -22.37 -36.85 15.98
C LYS C 105 -21.94 -37.69 14.76
N GLU C 106 -22.31 -37.22 13.58
CA GLU C 106 -21.98 -37.89 12.31
C GLU C 106 -20.49 -37.81 11.94
N GLN C 107 -19.85 -36.71 12.32
CA GLN C 107 -18.40 -36.53 12.13
C GLN C 107 -17.71 -35.91 13.35
N PRO C 108 -17.56 -36.71 14.44
CA PRO C 108 -16.99 -36.24 15.71
C PRO C 108 -15.59 -35.63 15.58
N ASN C 109 -14.82 -36.08 14.60
CA ASN C 109 -13.47 -35.61 14.39
C ASN C 109 -13.41 -34.17 13.89
N ALA C 110 -13.98 -33.92 12.71
CA ALA C 110 -13.90 -32.61 12.05
C ALA C 110 -14.48 -31.51 12.92
N ALA C 111 -15.60 -31.80 13.59
CA ALA C 111 -16.17 -30.87 14.57
C ALA C 111 -15.11 -30.48 15.61
N LYS C 112 -14.39 -31.48 16.14
CA LYS C 112 -13.42 -31.23 17.21
C LYS C 112 -12.11 -30.64 16.71
N LEU C 113 -11.95 -30.54 15.39
CA LEU C 113 -10.90 -29.71 14.82
C LEU C 113 -11.41 -28.29 14.89
N LEU C 114 -12.62 -28.09 14.34
CA LEU C 114 -13.28 -26.80 14.32
C LEU C 114 -13.40 -26.21 15.72
N SER C 115 -14.05 -26.95 16.62
CA SER C 115 -14.41 -26.47 17.97
C SER C 115 -13.28 -25.77 18.74
N GLN C 116 -12.05 -25.91 18.25
CA GLN C 116 -10.84 -25.43 18.93
C GLN C 116 -10.03 -24.38 18.14
N PHE C 117 -10.52 -23.99 16.96
CA PHE C 117 -9.83 -23.03 16.08
C PHE C 117 -9.90 -21.57 16.60
N LYS C 118 -8.76 -21.08 17.07
CA LYS C 118 -8.62 -19.72 17.59
C LYS C 118 -7.44 -19.01 16.92
N TRP C 119 -7.44 -17.68 16.93
CA TRP C 119 -6.30 -16.87 16.44
C TRP C 119 -6.52 -15.36 16.57
N THR C 120 -5.43 -14.61 16.53
CA THR C 120 -5.46 -13.15 16.73
C THR C 120 -5.29 -12.36 15.43
N GLN C 121 -5.74 -11.10 15.45
CA GLN C 121 -5.76 -10.24 14.26
C GLN C 121 -4.40 -10.07 13.57
N ASP C 122 -3.32 -10.29 14.32
CA ASP C 122 -1.98 -10.33 13.74
C ASP C 122 -1.87 -11.58 12.88
N GLU C 123 -2.25 -12.72 13.47
CA GLU C 123 -2.03 -14.05 12.89
C GLU C 123 -2.87 -14.32 11.66
N MET C 124 -4.08 -13.77 11.61
CA MET C 124 -4.88 -13.82 10.39
C MET C 124 -4.31 -12.85 9.37
N GLY C 125 -3.96 -11.65 9.84
CA GLY C 125 -3.32 -10.64 9.01
C GLY C 125 -2.15 -11.23 8.25
N GLU C 126 -1.32 -12.00 8.97
CA GLU C 126 -0.18 -12.73 8.42
C GLU C 126 -0.47 -13.38 7.06
N ILE C 127 -1.59 -14.09 6.97
CA ILE C 127 -2.05 -14.71 5.73
C ILE C 127 -2.60 -13.68 4.75
N MET C 128 -3.48 -12.77 5.20
CA MET C 128 -4.17 -11.92 4.21
C MET C 128 -3.26 -10.93 3.48
N ILE C 129 -2.21 -10.44 4.14
CA ILE C 129 -1.26 -9.55 3.48
C ILE C 129 -0.63 -10.22 2.25
N LYS C 130 -0.17 -11.45 2.46
CA LYS C 130 0.48 -12.25 1.44
C LYS C 130 -0.51 -12.59 0.33
N VAL C 131 -1.77 -12.79 0.71
CA VAL C 131 -2.86 -12.97 -0.28
C VAL C 131 -3.03 -11.69 -1.10
N GLU C 132 -3.02 -10.55 -0.43
CA GLU C 132 -3.14 -9.26 -1.08
C GLU C 132 -1.85 -8.91 -1.84
N GLU C 133 -0.78 -9.62 -1.52
CA GLU C 133 0.46 -9.54 -2.27
C GLU C 133 0.27 -10.16 -3.64
N GLY C 134 -0.72 -11.03 -3.76
CA GLY C 134 -1.00 -11.75 -5.00
C GLY C 134 -0.76 -13.25 -4.89
N GLU C 135 -0.07 -13.66 -3.83
CA GLU C 135 0.24 -15.08 -3.57
C GLU C 135 -1.02 -15.94 -3.61
N LYS C 136 -0.87 -17.20 -3.96
CA LYS C 136 -2.01 -18.13 -4.04
C LYS C 136 -2.45 -18.60 -2.65
N PRO C 137 -3.77 -18.53 -2.37
CA PRO C 137 -4.36 -18.83 -1.05
C PRO C 137 -4.11 -20.23 -0.47
N ALA C 138 -3.84 -21.22 -1.33
CA ALA C 138 -3.54 -22.57 -0.86
C ALA C 138 -2.10 -22.69 -0.39
N LYS C 139 -1.19 -22.11 -1.18
CA LYS C 139 0.26 -22.13 -0.91
C LYS C 139 0.60 -21.42 0.40
N VAL C 140 0.03 -20.25 0.61
CA VAL C 140 0.28 -19.46 1.81
C VAL C 140 -0.32 -20.15 3.04
N ALA C 141 -1.49 -20.77 2.88
CA ALA C 141 -2.12 -21.58 3.93
C ALA C 141 -1.23 -22.73 4.37
N ALA C 142 -0.58 -23.38 3.41
CA ALA C 142 0.35 -24.46 3.70
C ALA C 142 1.71 -23.93 4.17
N GLU C 143 2.00 -22.66 3.90
CA GLU C 143 3.18 -22.01 4.47
C GLU C 143 2.93 -21.63 5.93
N TYR C 144 1.69 -21.23 6.22
CA TYR C 144 1.30 -20.85 7.59
C TYR C 144 1.38 -22.04 8.54
N VAL C 145 0.72 -23.15 8.20
CA VAL C 145 0.71 -24.36 9.02
C VAL C 145 2.13 -24.84 9.35
N ASN C 146 3.11 -24.28 8.64
CA ASN C 146 4.53 -24.57 8.83
C ASN C 146 5.30 -23.58 9.71
N LYS C 147 5.03 -22.27 9.56
CA LYS C 147 5.63 -21.26 10.44
C LYS C 147 5.03 -21.36 11.84
N HIS C 148 3.71 -21.22 11.91
CA HIS C 148 2.95 -21.49 13.13
C HIS C 148 2.82 -23.01 13.31
N LYS C 149 3.82 -23.63 13.93
CA LYS C 149 3.76 -25.06 14.22
C LYS C 149 3.04 -25.31 15.56
N ASP C 150 3.30 -24.43 16.53
CA ASP C 150 2.76 -24.53 17.89
C ASP C 150 1.24 -24.40 17.99
N GLN C 151 0.64 -23.61 17.08
CA GLN C 151 -0.79 -23.32 17.11
C GLN C 151 -1.62 -24.52 16.67
N ILE C 152 -1.12 -25.24 15.67
CA ILE C 152 -1.81 -26.41 15.13
C ILE C 152 -1.81 -27.55 16.15
N ALA C 153 -0.79 -27.60 17.00
CA ALA C 153 -0.73 -28.55 18.12
C ALA C 153 -1.94 -28.48 19.05
N GLU C 154 -2.39 -27.25 19.35
CA GLU C 154 -3.59 -27.05 20.16
C GLU C 154 -4.87 -27.01 19.31
N TRP C 155 -4.73 -26.70 18.01
CA TRP C 155 -5.86 -26.74 17.07
C TRP C 155 -6.32 -28.17 16.82
N THR C 156 -5.39 -29.11 16.86
CA THR C 156 -5.70 -30.51 16.58
C THR C 156 -5.20 -31.50 17.66
N LYS C 157 -5.30 -31.09 18.91
CA LYS C 157 -5.08 -31.97 20.05
C LYS C 157 -6.18 -33.03 20.10
N GLY C 158 -5.77 -34.30 20.15
CA GLY C 158 -6.70 -35.42 20.21
C GLY C 158 -7.53 -35.59 18.94
N VAL C 159 -6.92 -35.32 17.80
CA VAL C 159 -7.57 -35.42 16.49
C VAL C 159 -6.85 -36.45 15.61
N GLN C 160 -7.43 -37.65 15.53
CA GLN C 160 -6.85 -38.76 14.77
C GLN C 160 -7.09 -38.59 13.28
N LYS C 161 -6.06 -38.86 12.48
CA LYS C 161 -6.12 -38.79 11.02
C LYS C 161 -7.22 -39.69 10.47
N VAL C 162 -7.83 -39.27 9.36
CA VAL C 162 -8.98 -39.96 8.77
C VAL C 162 -8.65 -40.58 7.41
N LYS C 163 -9.49 -41.53 7.00
CA LYS C 163 -9.28 -42.26 5.75
C LYS C 163 -10.21 -41.76 4.64
N GLY C 164 -9.91 -40.56 4.14
CA GLY C 164 -10.67 -39.94 3.06
C GLY C 164 -12.11 -39.62 3.46
N ASP C 165 -12.27 -38.57 4.27
CA ASP C 165 -13.59 -38.10 4.62
C ASP C 165 -13.88 -36.79 3.91
N LYS C 166 -15.04 -36.72 3.26
CA LYS C 166 -15.44 -35.50 2.57
C LYS C 166 -15.96 -34.45 3.55
N ILE C 167 -15.50 -33.21 3.37
CA ILE C 167 -16.02 -32.09 4.16
C ILE C 167 -16.15 -30.82 3.32
N ASN C 168 -17.40 -30.37 3.20
CA ASN C 168 -17.75 -29.14 2.51
C ASN C 168 -17.67 -27.95 3.46
N LEU C 169 -16.74 -27.04 3.20
CA LEU C 169 -16.65 -25.77 3.92
C LEU C 169 -17.34 -24.65 3.15
N ALA C 170 -18.15 -23.87 3.85
CA ALA C 170 -18.80 -22.72 3.25
C ALA C 170 -18.10 -21.46 3.71
N TYR C 171 -18.09 -20.45 2.83
CA TYR C 171 -17.56 -19.13 3.17
C TYR C 171 -18.13 -18.05 2.23
N VAL C 172 -17.96 -16.80 2.63
CA VAL C 172 -18.15 -15.69 1.70
C VAL C 172 -16.77 -15.09 1.47
N ALA C 173 -16.53 -14.57 0.28
CA ALA C 173 -15.19 -14.06 -0.07
C ALA C 173 -14.88 -12.67 0.52
N TRP C 174 -15.09 -12.51 1.82
CA TRP C 174 -14.53 -11.39 2.58
C TRP C 174 -13.08 -11.76 2.91
N ASP C 175 -12.17 -10.80 2.73
CA ASP C 175 -10.73 -11.05 2.87
C ASP C 175 -10.39 -11.99 4.03
N SER C 176 -11.00 -11.71 5.18
CA SER C 176 -10.83 -12.46 6.41
C SER C 176 -11.23 -13.93 6.26
N GLU C 177 -12.38 -14.15 5.60
CA GLU C 177 -12.90 -15.50 5.40
C GLU C 177 -12.34 -16.20 4.16
N ILE C 178 -11.34 -15.59 3.52
CA ILE C 178 -10.53 -16.33 2.58
C ILE C 178 -9.32 -16.86 3.36
N ALA C 179 -8.94 -16.15 4.42
CA ALA C 179 -7.76 -16.49 5.22
C ALA C 179 -8.01 -17.65 6.18
N SER C 180 -9.25 -17.77 6.66
CA SER C 180 -9.58 -18.79 7.66
C SER C 180 -10.08 -20.09 7.04
N THR C 181 -10.95 -19.96 6.04
CA THR C 181 -11.56 -21.12 5.37
C THR C 181 -10.51 -21.97 4.64
N ASN C 182 -9.44 -21.32 4.20
CA ASN C 182 -8.35 -21.98 3.48
C ASN C 182 -7.31 -22.61 4.39
N VAL C 183 -7.08 -21.99 5.55
CA VAL C 183 -6.14 -22.52 6.53
C VAL C 183 -6.78 -23.68 7.27
N ILE C 184 -8.06 -23.55 7.59
CA ILE C 184 -8.87 -24.64 8.12
C ILE C 184 -9.04 -25.69 7.02
N GLY C 185 -9.26 -25.23 5.79
CA GLY C 185 -9.23 -26.11 4.60
C GLY C 185 -7.93 -26.87 4.39
N LYS C 186 -6.81 -26.23 4.72
CA LYS C 186 -5.48 -26.83 4.56
C LYS C 186 -5.12 -27.77 5.72
N VAL C 187 -5.47 -27.38 6.96
CA VAL C 187 -5.25 -28.23 8.14
C VAL C 187 -6.10 -29.48 8.03
N LEU C 188 -7.33 -29.34 7.53
CA LEU C 188 -8.20 -30.48 7.26
C LEU C 188 -7.56 -31.37 6.20
N GLU C 189 -7.01 -30.76 5.15
CA GLU C 189 -6.43 -31.47 4.01
C GLU C 189 -5.14 -32.25 4.35
N ASP C 190 -4.49 -31.86 5.46
CA ASP C 190 -3.27 -32.54 5.91
C ASP C 190 -3.61 -33.78 6.74
N LEU C 191 -4.89 -33.93 7.08
CA LEU C 191 -5.38 -35.07 7.85
C LEU C 191 -6.10 -36.09 6.95
N GLY C 192 -6.01 -35.88 5.64
CA GLY C 192 -6.53 -36.83 4.65
C GLY C 192 -7.95 -36.59 4.17
N TYR C 193 -8.58 -35.54 4.71
CA TYR C 193 -9.94 -35.15 4.34
C TYR C 193 -10.03 -34.64 2.89
N GLU C 194 -11.18 -34.85 2.25
CA GLU C 194 -11.42 -34.26 0.93
C GLU C 194 -12.29 -33.00 1.04
N VAL C 195 -11.63 -31.85 1.01
CA VAL C 195 -12.30 -30.57 1.20
C VAL C 195 -12.83 -29.98 -0.12
N THR C 196 -14.14 -29.74 -0.16
CA THR C 196 -14.75 -28.87 -1.18
C THR C 196 -15.04 -27.51 -0.56
N LEU C 197 -14.52 -26.46 -1.18
CA LEU C 197 -14.76 -25.09 -0.71
C LEU C 197 -15.82 -24.42 -1.59
N THR C 198 -16.97 -24.11 -0.99
CA THR C 198 -18.07 -23.50 -1.73
C THR C 198 -18.18 -22.01 -1.40
N GLN C 199 -17.99 -21.19 -2.42
CA GLN C 199 -18.13 -19.73 -2.32
C GLN C 199 -19.57 -19.31 -2.62
N VAL C 200 -20.21 -18.71 -1.63
CA VAL C 200 -21.62 -18.30 -1.74
C VAL C 200 -21.79 -16.84 -1.36
N GLU C 201 -22.86 -16.55 -0.62
CA GLU C 201 -23.14 -15.21 -0.14
C GLU C 201 -23.63 -15.27 1.28
N ALA C 202 -23.45 -14.17 2.02
CA ALA C 202 -24.22 -13.91 3.22
C ALA C 202 -25.72 -14.00 2.95
N GLY C 203 -26.39 -14.92 3.64
CA GLY C 203 -27.72 -15.35 3.23
C GLY C 203 -27.78 -16.83 2.93
N PRO C 204 -27.58 -17.18 1.67
CA PRO C 204 -27.49 -18.59 1.25
C PRO C 204 -26.44 -19.34 2.06
N MET C 205 -25.43 -18.62 2.54
CA MET C 205 -24.44 -19.20 3.43
C MET C 205 -25.14 -19.86 4.60
N TRP C 206 -26.05 -19.11 5.24
CA TRP C 206 -26.78 -19.58 6.39
C TRP C 206 -27.80 -20.65 6.01
N THR C 207 -28.44 -20.48 4.84
CA THR C 207 -29.30 -21.51 4.28
C THR C 207 -28.51 -22.81 4.14
N ALA C 208 -27.43 -22.75 3.37
CA ALA C 208 -26.59 -23.93 3.13
C ALA C 208 -26.30 -24.73 4.39
N ILE C 209 -26.18 -24.05 5.53
CA ILE C 209 -25.82 -24.69 6.79
C ILE C 209 -27.03 -25.27 7.51
N ALA C 210 -28.06 -24.45 7.69
CA ALA C 210 -29.28 -24.88 8.36
C ALA C 210 -29.96 -26.05 7.65
N THR C 211 -29.99 -25.96 6.32
CA THR C 211 -30.54 -27.02 5.47
C THR C 211 -29.59 -28.21 5.39
N GLY C 212 -28.33 -27.97 5.73
CA GLY C 212 -27.29 -28.99 5.73
C GLY C 212 -26.74 -29.36 4.37
N SER C 213 -26.68 -28.39 3.46
CA SER C 213 -26.11 -28.59 2.12
C SER C 213 -24.63 -28.20 2.13
N ALA C 214 -24.20 -27.74 3.29
CA ALA C 214 -22.79 -27.63 3.64
C ALA C 214 -22.64 -28.19 5.05
N ASP C 215 -21.40 -28.47 5.44
CA ASP C 215 -21.16 -29.12 6.73
C ASP C 215 -20.69 -28.14 7.80
N ALA C 216 -19.71 -27.31 7.44
CA ALA C 216 -19.07 -26.40 8.39
C ALA C 216 -18.78 -25.04 7.77
N SER C 217 -19.03 -23.99 8.54
CA SER C 217 -18.74 -22.62 8.12
C SER C 217 -18.11 -21.83 9.26
N LEU C 218 -17.35 -20.80 8.90
CA LEU C 218 -16.73 -19.89 9.87
C LEU C 218 -16.76 -18.43 9.41
N SER C 219 -17.73 -18.12 8.55
CA SER C 219 -17.96 -16.76 8.06
C SER C 219 -18.96 -15.98 8.94
N ALA C 220 -19.23 -16.50 10.14
CA ALA C 220 -20.29 -15.98 11.00
C ALA C 220 -19.82 -14.94 12.01
N TRP C 221 -20.37 -13.73 11.92
CA TRP C 221 -20.05 -12.65 12.85
C TRP C 221 -21.24 -12.38 13.77
N LEU C 222 -21.06 -12.59 15.07
CA LEU C 222 -22.17 -12.50 16.02
C LEU C 222 -21.80 -11.77 17.33
N PRO C 223 -22.81 -11.31 18.11
CA PRO C 223 -24.24 -11.53 17.92
C PRO C 223 -24.94 -10.47 17.04
N ASN C 224 -24.22 -9.41 16.69
CA ASN C 224 -24.83 -8.22 16.07
C ASN C 224 -24.84 -8.20 14.55
N THR C 225 -23.66 -8.38 13.93
CA THR C 225 -23.54 -8.32 12.47
C THR C 225 -24.51 -9.28 11.77
N HIS C 226 -24.41 -10.56 12.10
CA HIS C 226 -25.28 -11.54 11.48
C HIS C 226 -26.44 -11.90 12.40
N LYS C 227 -26.97 -10.90 13.10
CA LYS C 227 -28.17 -11.08 13.91
C LYS C 227 -29.34 -11.64 13.08
N ALA C 228 -29.62 -10.98 11.95
CA ALA C 228 -30.80 -11.29 11.12
C ALA C 228 -30.88 -12.75 10.65
N TYR C 229 -29.77 -13.27 10.16
CA TYR C 229 -29.72 -14.67 9.73
C TYR C 229 -29.76 -15.59 10.96
N ALA C 230 -28.95 -15.24 11.98
CA ALA C 230 -28.90 -15.99 13.24
C ALA C 230 -30.28 -16.23 13.83
N ALA C 231 -31.15 -15.25 13.67
CA ALA C 231 -32.52 -15.34 14.15
C ALA C 231 -33.41 -16.07 13.15
N LYS C 232 -33.07 -15.95 11.86
CA LYS C 232 -33.89 -16.52 10.79
C LYS C 232 -33.82 -18.05 10.81
N TYR C 233 -32.62 -18.56 11.05
CA TYR C 233 -32.41 -19.95 11.41
C TYR C 233 -31.82 -19.96 12.81
N LYS C 234 -32.66 -20.06 13.82
CA LYS C 234 -32.14 -20.09 15.19
C LYS C 234 -31.73 -21.49 15.67
N GLY C 235 -32.72 -22.35 15.96
CA GLY C 235 -32.45 -23.67 16.56
C GLY C 235 -32.19 -24.79 15.56
N LYS C 236 -31.52 -24.44 14.46
CA LYS C 236 -31.33 -25.35 13.33
C LYS C 236 -29.89 -25.28 12.79
N TYR C 237 -28.98 -24.76 13.63
CA TYR C 237 -27.56 -24.76 13.31
C TYR C 237 -26.72 -25.08 14.57
N ASP C 238 -25.41 -25.23 14.37
CA ASP C 238 -24.47 -25.58 15.44
C ASP C 238 -23.39 -24.54 15.63
N ASP C 239 -23.55 -23.68 16.64
CA ASP C 239 -22.50 -22.74 17.05
C ASP C 239 -21.67 -23.46 18.10
N ILE C 240 -20.43 -23.81 17.75
CA ILE C 240 -19.59 -24.66 18.60
C ILE C 240 -18.21 -24.07 18.93
N GLY C 241 -17.83 -23.03 18.21
CA GLY C 241 -16.54 -22.38 18.41
C GLY C 241 -16.51 -20.90 18.07
N THR C 242 -15.53 -20.19 18.63
CA THR C 242 -15.40 -18.77 18.40
C THR C 242 -13.96 -18.40 18.05
N SER C 243 -13.72 -18.23 16.75
CA SER C 243 -12.37 -18.05 16.19
C SER C 243 -11.62 -16.81 16.68
N MET C 244 -12.36 -15.73 16.90
CA MET C 244 -11.80 -14.43 17.30
C MET C 244 -12.74 -13.72 18.27
N THR C 245 -12.22 -12.67 18.91
CA THR C 245 -12.99 -11.70 19.71
C THR C 245 -12.54 -10.27 19.39
N GLY C 246 -13.25 -9.28 19.92
CA GLY C 246 -12.91 -7.86 19.72
C GLY C 246 -12.77 -7.41 18.27
N VAL C 247 -13.74 -7.78 17.43
CA VAL C 247 -13.74 -7.33 16.03
C VAL C 247 -14.61 -6.08 15.81
N LYS C 248 -13.97 -4.99 15.39
CA LYS C 248 -14.68 -3.72 15.21
C LYS C 248 -15.06 -3.50 13.74
N MET C 249 -16.02 -2.61 13.50
CA MET C 249 -16.50 -2.33 12.14
C MET C 249 -17.38 -1.08 12.06
N GLY C 250 -17.45 -0.52 10.86
CA GLY C 250 -18.24 0.67 10.62
C GLY C 250 -17.70 1.49 9.47
N LEU C 251 -17.97 2.79 9.51
CA LEU C 251 -17.46 3.71 8.50
C LEU C 251 -16.00 3.99 8.85
N VAL C 252 -15.17 4.11 7.82
CA VAL C 252 -13.73 4.24 8.02
C VAL C 252 -13.17 5.26 7.04
N VAL C 253 -12.34 6.17 7.58
CA VAL C 253 -11.66 7.18 6.77
C VAL C 253 -10.16 7.04 6.97
N PRO C 254 -9.36 7.53 6.00
CA PRO C 254 -7.93 7.58 6.18
C PRO C 254 -7.57 8.68 7.16
N GLN C 255 -6.46 8.50 7.85
CA GLN C 255 -6.10 9.39 8.96
C GLN C 255 -5.95 10.86 8.60
N TYR C 256 -5.48 11.15 7.39
CA TYR C 256 -5.25 12.54 6.97
C TYR C 256 -6.51 13.41 6.78
N MET C 257 -7.67 12.88 7.20
CA MET C 257 -8.92 13.65 7.22
C MET C 257 -9.15 14.16 8.64
N LYS C 258 -8.11 14.78 9.18
CA LYS C 258 -8.07 15.32 10.55
C LYS C 258 -9.31 16.13 10.97
N ASN C 259 -9.92 16.83 10.00
CA ASN C 259 -11.14 17.61 10.24
C ASN C 259 -12.37 16.75 10.54
N VAL C 260 -12.28 15.47 10.20
CA VAL C 260 -13.34 14.48 10.48
C VAL C 260 -12.86 13.56 11.59
N ASN C 261 -13.76 13.12 12.46
CA ASN C 261 -13.41 12.31 13.62
C ASN C 261 -14.52 11.39 14.16
N SER C 262 -15.76 11.69 13.78
CA SER C 262 -16.92 10.91 14.22
C SER C 262 -17.98 10.87 13.13
N ILE C 263 -18.94 9.96 13.26
CA ILE C 263 -20.01 9.85 12.25
C ILE C 263 -20.69 11.20 12.06
N GLU C 264 -21.21 11.77 13.14
CA GLU C 264 -21.86 13.08 13.11
C GLU C 264 -21.06 14.14 12.35
N ASP C 265 -19.74 14.14 12.54
CA ASP C 265 -18.86 15.08 11.85
C ASP C 265 -18.99 15.00 10.34
N LEU C 266 -19.45 13.85 9.83
CA LEU C 266 -19.62 13.66 8.39
C LEU C 266 -20.67 14.60 7.82
N LYS C 267 -21.59 15.04 8.68
CA LYS C 267 -22.58 16.06 8.32
C LYS C 267 -21.87 17.38 8.03
N LYS C 268 -20.96 17.75 8.93
CA LYS C 268 -20.15 18.96 8.80
C LYS C 268 -19.11 18.80 7.69
N ASN D 11 20.29 -15.88 4.75
CA ASN D 11 20.30 -14.42 5.07
C ASN D 11 20.56 -14.12 6.54
N LYS D 12 21.57 -13.28 6.77
CA LYS D 12 22.02 -12.92 8.12
C LYS D 12 22.39 -11.44 8.15
N THR D 13 21.44 -10.61 8.57
CA THR D 13 21.60 -9.15 8.54
C THR D 13 21.31 -8.52 9.92
N ILE D 14 21.39 -7.18 9.97
CA ILE D 14 21.23 -6.40 11.20
C ILE D 14 20.93 -4.94 10.85
N ILE D 15 19.64 -4.61 10.77
CA ILE D 15 19.15 -3.34 10.23
C ILE D 15 19.25 -2.16 11.21
N GLY D 16 19.95 -1.11 10.79
CA GLY D 16 20.26 0.02 11.69
C GLY D 16 19.77 1.40 11.31
N ILE D 17 20.41 2.42 11.87
CA ILE D 17 20.04 3.83 11.63
C ILE D 17 21.17 4.60 10.94
N ASP D 18 21.26 5.91 11.17
CA ASP D 18 22.31 6.72 10.53
C ASP D 18 23.71 6.27 10.96
N PRO D 19 24.69 6.35 10.03
CA PRO D 19 26.07 5.94 10.32
C PRO D 19 26.80 6.87 11.29
N GLY D 20 26.43 8.15 11.27
CA GLY D 20 27.00 9.14 12.17
C GLY D 20 26.70 8.85 13.62
N SER D 21 25.61 8.11 13.86
CA SER D 21 25.09 7.89 15.21
C SER D 21 25.97 7.01 16.10
N GLY D 22 25.58 6.93 17.37
CA GLY D 22 26.34 6.23 18.40
C GLY D 22 26.04 4.75 18.55
N ILE D 23 24.76 4.38 18.51
CA ILE D 23 24.37 2.97 18.60
C ILE D 23 24.82 2.18 17.35
N MET D 24 24.69 2.79 16.18
CA MET D 24 25.13 2.21 14.93
C MET D 24 26.61 1.85 15.05
N SER D 25 27.41 2.81 15.53
CA SER D 25 28.85 2.64 15.74
C SER D 25 29.16 1.60 16.83
N LEU D 26 28.36 1.59 17.89
CA LEU D 26 28.45 0.59 18.95
C LEU D 26 28.13 -0.82 18.44
N THR D 27 27.40 -0.90 17.33
CA THR D 27 26.97 -2.19 16.77
C THR D 27 28.06 -2.85 15.91
N ASP D 28 29.09 -2.08 15.56
CA ASP D 28 30.33 -2.64 15.01
C ASP D 28 31.03 -3.48 16.07
N LYS D 29 31.26 -2.84 17.22
CA LYS D 29 31.90 -3.45 18.38
C LYS D 29 31.14 -4.71 18.81
N ALA D 30 29.81 -4.61 18.85
CA ALA D 30 28.95 -5.74 19.14
C ALA D 30 29.22 -6.92 18.21
N MET D 31 29.42 -6.62 16.94
CA MET D 31 29.67 -7.65 15.94
C MET D 31 31.09 -8.18 16.01
N LYS D 32 32.01 -7.39 16.59
CA LYS D 32 33.36 -7.87 16.87
C LYS D 32 33.38 -8.76 18.10
N ASP D 33 32.80 -8.25 19.18
CA ASP D 33 32.84 -8.87 20.50
C ASP D 33 32.04 -10.15 20.60
N TYR D 34 30.85 -10.16 20.02
CA TYR D 34 30.05 -11.38 19.97
C TYR D 34 30.32 -12.17 18.69
N ASP D 35 31.29 -11.70 17.90
CA ASP D 35 31.79 -12.42 16.73
C ASP D 35 30.74 -12.53 15.63
N LEU D 36 29.85 -11.55 15.57
CA LEU D 36 28.83 -11.52 14.54
C LEU D 36 29.42 -11.21 13.16
N ASN D 37 30.42 -11.98 12.77
CA ASN D 37 31.20 -11.69 11.57
C ASN D 37 30.73 -12.42 10.31
N ASP D 38 29.68 -13.23 10.46
CA ASP D 38 28.92 -13.79 9.34
C ASP D 38 27.74 -12.88 8.97
N TRP D 39 27.80 -11.62 9.41
CA TRP D 39 26.69 -10.66 9.33
C TRP D 39 27.08 -9.38 8.55
N THR D 40 26.10 -8.66 8.02
CA THR D 40 26.35 -7.46 7.20
C THR D 40 25.49 -6.30 7.69
N LEU D 41 26.14 -5.24 8.15
CA LEU D 41 25.45 -4.15 8.86
C LEU D 41 24.94 -3.04 7.96
N ILE D 42 23.61 -2.96 7.81
CA ILE D 42 23.00 -1.93 6.99
C ILE D 42 22.76 -0.65 7.79
N SER D 43 22.42 0.43 7.09
CA SER D 43 22.93 1.76 7.43
C SER D 43 21.82 2.80 7.40
N ALA D 44 21.28 3.05 6.22
CA ALA D 44 19.87 3.38 6.08
C ALA D 44 19.48 4.58 6.94
N SER D 45 18.20 4.93 6.92
CA SER D 45 17.71 6.07 7.71
C SER D 45 17.18 5.59 9.06
N SER D 46 16.87 6.56 9.93
CA SER D 46 16.27 6.26 11.24
C SER D 46 14.76 6.02 11.14
N ALA D 47 14.15 6.50 10.05
CA ALA D 47 12.73 6.27 9.76
C ALA D 47 12.55 5.08 8.82
N ALA D 48 13.58 4.83 8.00
CA ALA D 48 13.65 3.63 7.16
C ALA D 48 13.69 2.37 8.03
N MET D 49 14.32 2.49 9.20
CA MET D 49 14.45 1.39 10.14
C MET D 49 13.10 0.94 10.68
N THR D 50 12.25 1.88 11.07
CA THR D 50 10.91 1.54 11.56
C THR D 50 10.03 1.07 10.42
N ALA D 51 10.24 1.65 9.23
CA ALA D 51 9.52 1.25 8.02
C ALA D 51 9.82 -0.21 7.70
N THR D 52 11.08 -0.58 7.81
CA THR D 52 11.50 -1.96 7.61
C THR D 52 10.94 -2.86 8.70
N LEU D 53 10.95 -2.37 9.94
CA LEU D 53 10.41 -3.12 11.07
C LEU D 53 8.91 -3.44 10.95
N LYS D 54 8.11 -2.47 10.50
CA LYS D 54 6.67 -2.65 10.36
C LYS D 54 6.38 -3.68 9.27
N LYS D 55 7.08 -3.54 8.15
CA LYS D 55 6.95 -4.41 6.98
C LYS D 55 7.07 -5.89 7.37
N SER D 56 8.06 -6.22 8.19
CA SER D 56 8.33 -7.60 8.60
C SER D 56 7.42 -8.12 9.72
N TYR D 57 7.23 -7.31 10.77
CA TYR D 57 6.43 -7.71 11.95
C TYR D 57 5.03 -8.18 11.55
N ASP D 58 4.41 -7.42 10.65
CA ASP D 58 3.09 -7.78 10.10
C ASP D 58 3.17 -9.14 9.42
N ARG D 59 4.21 -9.31 8.61
CA ARG D 59 4.49 -10.56 7.91
C ARG D 59 5.09 -11.64 8.83
N LYS D 60 5.47 -11.28 10.04
CA LYS D 60 6.19 -12.17 10.99
C LYS D 60 7.45 -12.82 10.42
N LYS D 61 8.31 -11.99 9.83
CA LYS D 61 9.58 -12.43 9.26
C LYS D 61 10.74 -11.94 10.13
N PRO D 62 11.62 -12.89 10.57
CA PRO D 62 12.70 -12.62 11.53
C PRO D 62 13.45 -11.32 11.24
N ILE D 63 13.75 -10.58 12.31
CA ILE D 63 14.41 -9.28 12.17
C ILE D 63 15.15 -8.90 13.46
N ILE D 64 16.38 -8.40 13.31
CA ILE D 64 17.13 -7.82 14.43
C ILE D 64 17.42 -6.37 14.06
N ILE D 65 17.19 -5.45 15.00
CA ILE D 65 17.40 -4.03 14.74
C ILE D 65 18.42 -3.44 15.72
N THR D 66 18.78 -2.17 15.53
CA THR D 66 19.63 -1.47 16.48
C THR D 66 18.84 -0.34 17.16
N GLY D 67 17.95 -0.73 18.07
CA GLY D 67 17.01 0.19 18.69
C GLY D 67 17.38 0.65 20.09
N TRP D 68 16.91 1.85 20.43
CA TRP D 68 17.12 2.45 21.75
C TRP D 68 15.78 2.76 22.42
N THR D 69 15.77 2.71 23.74
CA THR D 69 14.64 3.20 24.52
C THR D 69 15.06 4.48 25.30
N PRO D 70 14.20 5.53 25.31
CA PRO D 70 12.81 5.64 24.88
C PRO D 70 12.60 5.76 23.37
N HIS D 71 11.57 5.07 22.88
CA HIS D 71 11.18 5.02 21.48
C HIS D 71 9.77 4.44 21.48
N TRP D 72 8.85 5.14 20.81
CA TRP D 72 7.46 4.72 20.68
C TRP D 72 7.34 3.25 20.26
N MET D 73 8.39 2.78 19.59
CA MET D 73 8.53 1.45 19.03
C MET D 73 7.94 0.34 19.90
N PHE D 74 8.22 0.40 21.19
CA PHE D 74 7.75 -0.60 22.15
C PHE D 74 6.27 -0.46 22.49
N SER D 75 5.73 0.74 22.28
CA SER D 75 4.30 1.01 22.50
C SER D 75 3.50 0.82 21.20
N ARG D 76 3.84 -0.22 20.44
CA ARG D 76 3.18 -0.54 19.20
C ARG D 76 3.40 -2.01 18.90
N TYR D 77 4.67 -2.40 18.82
CA TYR D 77 5.02 -3.79 18.60
C TYR D 77 5.50 -4.40 19.90
N LYS D 78 5.21 -5.68 20.11
CA LYS D 78 5.77 -6.40 21.25
C LYS D 78 7.26 -6.68 20.96
N LEU D 79 8.15 -5.89 21.55
CA LEU D 79 9.57 -6.02 21.27
C LEU D 79 10.40 -6.33 22.52
N LYS D 80 11.58 -6.90 22.28
CA LYS D 80 12.49 -7.28 23.35
C LYS D 80 13.95 -7.02 22.96
N TYR D 81 14.74 -6.60 23.94
CA TYR D 81 16.18 -6.47 23.78
C TYR D 81 16.85 -7.86 23.83
N LEU D 82 18.09 -7.93 23.39
CA LEU D 82 18.86 -9.18 23.47
C LEU D 82 19.91 -9.10 24.59
N ASP D 83 19.87 -10.07 25.50
CA ASP D 83 20.83 -10.17 26.61
C ASP D 83 22.20 -9.70 26.13
N ASP D 84 22.80 -8.77 26.87
CA ASP D 84 24.10 -8.23 26.49
C ASP D 84 25.21 -8.64 27.48
N PRO D 85 25.49 -9.96 27.57
CA PRO D 85 26.31 -10.46 28.70
C PRO D 85 27.70 -9.84 28.77
N LYS D 86 28.17 -9.29 27.65
CA LYS D 86 29.53 -8.76 27.61
C LYS D 86 29.57 -7.28 27.97
N GLN D 87 28.41 -6.62 27.91
CA GLN D 87 28.23 -5.19 28.16
C GLN D 87 28.72 -4.35 27.01
N SER D 88 28.88 -4.98 25.85
CA SER D 88 29.41 -4.32 24.65
C SER D 88 28.78 -2.97 24.40
N TYR D 89 27.51 -2.85 24.78
CA TYR D 89 26.73 -1.63 24.57
C TYR D 89 26.87 -0.62 25.70
N GLY D 90 27.39 -1.08 26.83
CA GLY D 90 27.60 -0.22 27.98
C GLY D 90 26.41 -0.22 28.92
N SER D 91 26.54 0.51 30.02
CA SER D 91 25.52 0.56 31.05
C SER D 91 25.33 1.98 31.58
N ALA D 92 24.21 2.20 32.26
CA ALA D 92 23.91 3.45 32.98
C ALA D 92 23.99 4.69 32.11
N GLU D 93 23.35 4.65 30.95
CA GLU D 93 23.44 5.77 30.03
C GLU D 93 22.55 6.93 30.46
N GLU D 94 23.00 8.14 30.11
CA GLU D 94 22.24 9.36 30.35
C GLU D 94 22.10 10.17 29.06
N ILE D 95 21.03 10.97 28.99
CA ILE D 95 20.88 11.97 27.95
C ILE D 95 21.16 13.35 28.58
N HIS D 96 21.87 14.20 27.85
CA HIS D 96 22.38 15.47 28.38
C HIS D 96 21.96 16.68 27.59
N THR D 97 21.68 17.75 28.33
CA THR D 97 21.59 19.09 27.79
C THR D 97 23.00 19.63 27.69
N ILE D 98 23.41 20.00 26.48
CA ILE D 98 24.71 20.63 26.24
C ILE D 98 24.53 21.96 25.54
N THR D 99 25.50 22.86 25.72
CA THR D 99 25.50 24.16 25.04
C THR D 99 26.88 24.51 24.51
N ARG D 100 26.95 25.51 23.63
CA ARG D 100 28.20 26.14 23.27
C ARG D 100 28.81 26.74 24.53
N LYS D 101 30.14 26.84 24.57
CA LYS D 101 30.80 27.41 25.75
C LYS D 101 30.40 28.86 25.95
N GLY D 102 30.32 29.25 27.22
CA GLY D 102 30.06 30.65 27.59
C GLY D 102 28.64 31.11 27.33
N PHE D 103 27.77 30.18 26.95
CA PHE D 103 26.37 30.49 26.70
C PHE D 103 25.70 30.97 27.98
N SER D 104 26.00 30.31 29.10
CA SER D 104 25.52 30.75 30.41
C SER D 104 26.29 31.97 30.88
N LYS D 105 25.83 33.16 30.49
CA LYS D 105 26.62 34.37 30.58
C LYS D 105 26.17 35.41 29.55
N GLU D 106 25.42 34.96 28.55
CA GLU D 106 24.83 35.86 27.56
C GLU D 106 23.33 35.63 27.46
N GLN D 107 22.89 34.41 27.75
CA GLN D 107 21.47 34.12 27.91
C GLN D 107 21.20 33.29 29.19
N PRO D 108 21.61 33.82 30.36
CA PRO D 108 21.55 33.12 31.66
C PRO D 108 20.13 32.79 32.09
N ASN D 109 19.15 33.46 31.47
CA ASN D 109 17.75 33.13 31.64
C ASN D 109 17.48 31.75 31.06
N ALA D 110 17.69 31.61 29.75
CA ALA D 110 17.48 30.35 29.02
C ALA D 110 18.36 29.20 29.53
N ALA D 111 19.57 29.54 29.99
CA ALA D 111 20.50 28.56 30.55
C ALA D 111 20.08 28.03 31.92
N LYS D 112 19.07 28.67 32.51
CA LYS D 112 18.41 28.14 33.71
C LYS D 112 17.14 27.37 33.35
N LEU D 113 16.56 27.69 32.20
CA LEU D 113 15.40 26.95 31.70
C LEU D 113 15.85 25.61 31.12
N LEU D 114 17.06 25.58 30.58
CA LEU D 114 17.65 24.36 30.06
C LEU D 114 18.24 23.52 31.18
N SER D 115 19.03 24.13 32.05
CA SER D 115 19.60 23.42 33.19
C SER D 115 18.54 22.59 33.90
N GLN D 116 17.33 23.15 33.98
CA GLN D 116 16.20 22.53 34.70
C GLN D 116 15.32 21.60 33.86
N PHE D 117 15.60 21.48 32.56
CA PHE D 117 14.88 20.53 31.70
C PHE D 117 15.06 19.11 32.20
N LYS D 118 13.93 18.43 32.42
CA LYS D 118 13.90 17.11 33.04
C LYS D 118 12.54 16.46 32.80
N TRP D 119 12.56 15.23 32.27
CA TRP D 119 11.36 14.43 32.05
C TRP D 119 11.69 12.95 31.94
N THR D 120 10.65 12.10 31.92
CA THR D 120 10.80 10.64 31.93
C THR D 120 10.45 9.96 30.60
N GLN D 121 10.73 8.66 30.51
CA GLN D 121 10.49 7.90 29.29
C GLN D 121 9.03 7.98 28.86
N ASP D 122 8.12 7.77 29.82
CA ASP D 122 6.67 7.74 29.54
C ASP D 122 6.06 9.12 29.25
N GLU D 123 6.80 10.19 29.57
CA GLU D 123 6.39 11.54 29.22
C GLU D 123 6.85 11.88 27.82
N MET D 124 8.12 11.62 27.53
CA MET D 124 8.64 11.72 26.16
C MET D 124 7.83 10.83 25.20
N GLY D 125 7.31 9.72 25.74
CA GLY D 125 6.48 8.80 24.98
C GLY D 125 5.23 9.41 24.40
N GLU D 126 4.72 10.48 25.01
CA GLU D 126 3.47 11.10 24.56
C GLU D 126 3.57 11.82 23.21
N ILE D 127 4.66 12.55 23.01
CA ILE D 127 4.84 13.33 21.79
C ILE D 127 5.22 12.45 20.61
N MET D 128 5.99 11.40 20.89
CA MET D 128 6.36 10.43 19.85
C MET D 128 5.44 9.22 19.88
N ILE D 129 4.83 8.92 18.74
CA ILE D 129 3.49 8.36 18.71
C ILE D 129 2.50 9.30 18.04
N LYS D 130 2.17 10.39 18.72
CA LYS D 130 1.30 11.41 18.16
C LYS D 130 1.97 12.04 16.94
N VAL D 131 3.28 12.24 17.02
CA VAL D 131 4.06 12.62 15.85
C VAL D 131 3.97 11.48 14.82
N GLU D 132 4.23 10.24 15.25
CA GLU D 132 4.27 9.08 14.35
C GLU D 132 2.92 8.72 13.71
N GLU D 133 1.81 9.11 14.33
CA GLU D 133 0.51 8.99 13.69
C GLU D 133 0.45 9.90 12.46
N GLY D 134 1.00 11.11 12.60
CA GLY D 134 1.04 12.10 11.53
C GLY D 134 0.65 13.49 12.01
N GLU D 135 0.75 13.73 13.31
CA GLU D 135 0.40 15.03 13.88
C GLU D 135 1.65 15.84 14.19
N LYS D 136 1.69 17.04 13.62
CA LYS D 136 2.90 17.83 13.43
C LYS D 136 3.57 18.31 14.73
N PRO D 137 4.76 17.75 15.04
CA PRO D 137 5.57 18.02 16.23
C PRO D 137 5.49 19.43 16.79
N ALA D 138 5.47 20.44 15.93
CA ALA D 138 5.35 21.84 16.36
C ALA D 138 4.08 22.06 17.19
N LYS D 139 2.93 22.06 16.52
CA LYS D 139 1.64 22.30 17.18
C LYS D 139 1.18 21.12 18.04
N VAL D 140 1.80 19.97 17.87
CA VAL D 140 1.51 18.82 18.73
C VAL D 140 2.28 18.92 20.05
N ALA D 141 3.36 19.71 20.04
CA ALA D 141 4.16 19.96 21.24
C ALA D 141 3.48 20.97 22.16
N ALA D 142 2.79 21.93 21.55
CA ALA D 142 2.03 22.93 22.30
C ALA D 142 1.02 22.24 23.20
N GLU D 143 0.32 21.24 22.66
CA GLU D 143 -0.69 20.48 23.39
C GLU D 143 -0.15 19.96 24.72
N TYR D 144 1.07 19.44 24.68
CA TYR D 144 1.74 18.89 25.86
C TYR D 144 1.66 19.86 27.04
N VAL D 145 1.94 21.14 26.77
CA VAL D 145 2.01 22.16 27.82
C VAL D 145 0.68 22.27 28.57
N ASN D 146 -0.42 22.17 27.84
CA ASN D 146 -1.74 22.34 28.43
C ASN D 146 -2.29 21.11 29.13
N LYS D 147 -1.67 19.95 28.89
CA LYS D 147 -2.01 18.73 29.60
C LYS D 147 -1.25 18.70 30.92
N HIS D 148 0.07 18.87 30.83
CA HIS D 148 0.95 18.83 31.99
C HIS D 148 1.34 20.25 32.38
N LYS D 149 0.52 20.89 33.20
CA LYS D 149 0.74 22.28 33.58
C LYS D 149 1.87 22.44 34.60
N ASP D 150 1.87 21.58 35.63
CA ASP D 150 2.81 21.64 36.76
C ASP D 150 4.28 21.49 36.34
N GLN D 151 4.51 20.83 35.20
CA GLN D 151 5.85 20.51 34.76
C GLN D 151 6.56 21.74 34.20
N ILE D 152 5.86 22.46 33.31
CA ILE D 152 6.37 23.72 32.76
C ILE D 152 6.56 24.75 33.88
N ALA D 153 5.83 24.57 34.98
CA ALA D 153 6.02 25.37 36.18
C ALA D 153 7.44 25.17 36.73
N GLU D 154 7.79 23.91 37.02
CA GLU D 154 9.13 23.55 37.51
C GLU D 154 10.20 23.84 36.47
N TRP D 155 9.88 23.55 35.21
CA TRP D 155 10.77 23.78 34.08
C TRP D 155 11.15 25.26 33.96
N THR D 156 10.14 26.13 33.88
CA THR D 156 10.36 27.56 33.73
C THR D 156 10.34 28.31 35.06
N LYS D 157 10.61 27.60 36.16
CA LYS D 157 10.65 28.20 37.50
C LYS D 157 11.83 29.17 37.65
N GLY D 158 11.51 30.40 38.05
CA GLY D 158 12.50 31.48 38.15
C GLY D 158 12.88 32.06 36.80
N VAL D 159 12.39 31.43 35.73
CA VAL D 159 12.72 31.84 34.38
C VAL D 159 11.70 32.87 33.90
N GLN D 160 12.22 34.03 33.49
CA GLN D 160 11.39 35.15 33.08
C GLN D 160 10.91 35.00 31.65
N LYS D 161 10.14 36.00 31.19
CA LYS D 161 9.81 36.14 29.78
C LYS D 161 10.83 37.11 29.21
N VAL D 162 11.20 36.93 27.94
CA VAL D 162 12.14 37.84 27.28
C VAL D 162 11.47 38.54 26.12
N LYS D 163 12.19 39.50 25.53
CA LYS D 163 11.64 40.20 24.37
C LYS D 163 12.53 40.06 23.13
N GLY D 164 12.27 39.00 22.37
CA GLY D 164 12.90 38.78 21.06
C GLY D 164 14.28 38.14 21.06
N ASP D 165 14.63 37.45 22.14
CA ASP D 165 15.96 36.85 22.27
C ASP D 165 16.14 35.58 21.44
N LYS D 166 17.17 35.57 20.60
CA LYS D 166 17.41 34.47 19.66
C LYS D 166 18.30 33.38 20.23
N ILE D 167 17.67 32.27 20.63
CA ILE D 167 18.38 31.04 21.03
C ILE D 167 18.33 30.04 19.88
N ASN D 168 19.43 29.30 19.68
CA ASN D 168 19.47 28.27 18.63
C ASN D 168 19.58 26.85 19.16
N LEU D 169 18.66 26.00 18.71
CA LEU D 169 18.67 24.59 19.07
C LEU D 169 19.12 23.70 17.93
N ALA D 170 20.09 22.85 18.23
CA ALA D 170 20.55 21.84 17.30
C ALA D 170 20.11 20.48 17.79
N TYR D 171 19.81 19.59 16.85
CA TYR D 171 19.31 18.25 17.15
C TYR D 171 19.52 17.31 15.97
N VAL D 172 19.48 16.01 16.25
CA VAL D 172 19.52 15.01 15.20
C VAL D 172 18.15 14.33 15.13
N ALA D 173 17.70 14.02 13.91
CA ALA D 173 16.38 13.44 13.67
C ALA D 173 16.22 12.05 14.29
N TRP D 174 15.96 12.05 15.60
CA TRP D 174 15.65 10.84 16.35
C TRP D 174 14.32 11.07 17.05
N ASP D 175 13.36 10.18 16.82
CA ASP D 175 12.01 10.28 17.39
C ASP D 175 12.01 10.80 18.82
N SER D 176 12.88 10.23 19.65
CA SER D 176 13.06 10.62 21.04
C SER D 176 13.54 12.06 21.13
N GLU D 177 14.59 12.37 20.38
CA GLU D 177 15.19 13.70 20.37
C GLU D 177 14.36 14.73 19.61
N ILE D 178 13.70 14.33 18.53
CA ILE D 178 12.69 15.17 17.87
C ILE D 178 11.71 15.63 18.94
N ALA D 179 11.36 14.71 19.84
CA ALA D 179 10.37 14.94 20.90
C ALA D 179 10.88 15.77 22.09
N SER D 180 12.20 15.79 22.31
CA SER D 180 12.78 16.59 23.39
C SER D 180 12.92 18.06 22.97
N THR D 181 13.51 18.28 21.80
CA THR D 181 13.78 19.63 21.28
C THR D 181 12.50 20.44 21.02
N ASN D 182 11.50 19.78 20.42
CA ASN D 182 10.26 20.47 20.04
C ASN D 182 9.39 20.87 21.23
N VAL D 183 9.54 20.15 22.34
CA VAL D 183 8.89 20.55 23.59
C VAL D 183 9.66 21.72 24.21
N ILE D 184 10.97 21.57 24.33
CA ILE D 184 11.85 22.65 24.79
C ILE D 184 11.72 23.88 23.90
N GLY D 185 11.66 23.65 22.59
CA GLY D 185 11.57 24.73 21.61
C GLY D 185 10.39 25.68 21.82
N LYS D 186 9.19 25.11 21.90
CA LYS D 186 7.97 25.88 22.14
C LYS D 186 7.97 26.50 23.55
N VAL D 187 8.48 25.76 24.54
CA VAL D 187 8.52 26.26 25.92
C VAL D 187 9.41 27.51 26.06
N LEU D 188 10.39 27.67 25.18
CA LEU D 188 11.16 28.90 25.11
C LEU D 188 10.43 29.93 24.26
N GLU D 189 9.86 29.46 23.14
CA GLU D 189 9.12 30.30 22.20
C GLU D 189 7.93 31.04 22.83
N ASP D 190 7.39 30.50 23.91
CA ASP D 190 6.39 31.21 24.70
C ASP D 190 7.03 32.40 25.43
N LEU D 191 8.20 32.15 26.05
CA LEU D 191 8.88 33.17 26.86
C LEU D 191 9.40 34.37 26.05
N GLY D 192 9.02 34.45 24.78
CA GLY D 192 9.45 35.55 23.91
C GLY D 192 10.34 35.06 22.78
N TYR D 193 11.24 34.15 23.11
CA TYR D 193 12.31 33.68 22.23
C TYR D 193 11.88 33.39 20.78
N GLU D 194 12.66 33.87 19.81
CA GLU D 194 12.45 33.54 18.41
C GLU D 194 13.35 32.37 17.99
N VAL D 195 12.72 31.26 17.60
CA VAL D 195 13.38 29.97 17.44
C VAL D 195 13.45 29.47 15.99
N THR D 196 14.68 29.16 15.56
CA THR D 196 14.92 28.52 14.27
C THR D 196 15.54 27.14 14.49
N LEU D 197 15.24 26.22 13.58
CA LEU D 197 15.81 24.89 13.66
C LEU D 197 17.21 24.82 13.06
N THR D 198 18.05 23.98 13.66
CA THR D 198 19.32 23.61 13.05
C THR D 198 19.45 22.09 13.06
N GLN D 199 19.02 21.48 11.95
CA GLN D 199 18.93 20.03 11.84
C GLN D 199 20.19 19.48 11.15
N VAL D 200 21.02 18.79 11.93
CA VAL D 200 22.27 18.21 11.44
C VAL D 200 22.48 16.76 11.88
N GLU D 201 23.68 16.24 11.64
CA GLU D 201 24.01 14.83 11.89
C GLU D 201 24.85 14.63 13.15
N ALA D 202 24.84 13.39 13.67
CA ALA D 202 25.58 13.04 14.89
C ALA D 202 27.11 13.16 14.72
N GLY D 203 27.63 14.34 15.00
CA GLY D 203 29.03 14.65 14.71
C GLY D 203 29.13 16.08 14.24
N PRO D 204 28.54 16.38 13.06
CA PRO D 204 28.21 17.77 12.72
C PRO D 204 27.48 18.50 13.88
N MET D 205 26.53 17.81 14.52
CA MET D 205 25.84 18.31 15.72
C MET D 205 26.78 18.74 16.84
N TRP D 206 27.82 17.94 17.08
CA TRP D 206 28.81 18.28 18.09
C TRP D 206 29.74 19.40 17.65
N THR D 207 30.03 19.48 16.35
CA THR D 207 30.88 20.55 15.80
C THR D 207 30.18 21.90 15.85
N ALA D 208 28.90 21.92 15.48
CA ALA D 208 28.11 23.15 15.48
C ALA D 208 28.05 23.79 16.87
N ILE D 209 28.08 22.95 17.91
CA ILE D 209 27.97 23.44 19.28
C ILE D 209 29.32 23.61 19.97
N ALA D 210 30.28 22.74 19.67
CA ALA D 210 31.62 22.83 20.27
C ALA D 210 32.28 24.16 19.94
N THR D 211 32.11 24.62 18.70
CA THR D 211 32.47 25.98 18.33
C THR D 211 31.41 26.94 18.90
N GLY D 212 30.32 27.13 18.16
CA GLY D 212 29.37 28.17 18.50
C GLY D 212 28.41 28.46 17.36
N SER D 213 28.47 27.62 16.33
CA SER D 213 27.64 27.78 15.13
C SER D 213 26.15 27.67 15.50
N ALA D 214 25.88 26.95 16.58
CA ALA D 214 24.57 26.91 17.20
C ALA D 214 24.73 27.21 18.69
N ASP D 215 23.65 27.15 19.46
CA ASP D 215 23.71 27.53 20.87
C ASP D 215 23.51 26.38 21.86
N ALA D 216 22.52 25.52 21.61
CA ALA D 216 22.21 24.43 22.54
C ALA D 216 21.63 23.17 21.89
N SER D 217 21.67 22.06 22.61
CA SER D 217 21.17 20.77 22.14
C SER D 217 20.78 19.86 23.30
N LEU D 218 19.73 19.07 23.08
CA LEU D 218 19.30 18.06 24.05
C LEU D 218 19.47 16.67 23.47
N SER D 219 20.47 16.50 22.61
CA SER D 219 20.72 15.24 21.90
C SER D 219 21.98 14.52 22.38
N ALA D 220 22.66 15.11 23.35
CA ALA D 220 23.88 14.53 23.89
C ALA D 220 23.60 13.26 24.67
N TRP D 221 23.90 12.12 24.07
CA TRP D 221 23.80 10.84 24.79
C TRP D 221 25.17 10.47 25.34
N LEU D 222 25.31 10.50 26.67
CA LEU D 222 26.60 10.28 27.32
C LEU D 222 26.51 9.33 28.54
N PRO D 223 27.67 8.89 29.07
CA PRO D 223 29.02 9.11 28.55
C PRO D 223 29.44 8.13 27.46
N ASN D 224 28.84 6.94 27.43
CA ASN D 224 29.31 5.86 26.56
C ASN D 224 29.03 6.05 25.06
N THR D 225 27.76 6.31 24.70
CA THR D 225 27.36 6.34 23.28
C THR D 225 27.91 7.52 22.44
N HIS D 226 28.40 8.56 23.09
CA HIS D 226 29.19 9.58 22.39
C HIS D 226 30.57 9.75 23.03
N LYS D 227 31.04 8.70 23.73
CA LYS D 227 32.38 8.70 24.31
C LYS D 227 33.37 9.42 23.39
N ALA D 228 33.31 9.07 22.10
CA ALA D 228 34.14 9.66 21.07
C ALA D 228 33.93 11.17 20.93
N TYR D 229 32.69 11.58 20.68
CA TYR D 229 32.38 12.99 20.39
C TYR D 229 32.60 13.90 21.61
N ALA D 230 32.31 13.39 22.81
CA ALA D 230 32.56 14.13 24.05
C ALA D 230 34.06 14.27 24.37
N ALA D 231 34.85 13.26 24.00
CA ALA D 231 36.30 13.33 24.16
C ALA D 231 36.96 14.19 23.10
N LYS D 232 36.32 14.28 21.93
CA LYS D 232 36.85 15.06 20.80
C LYS D 232 36.96 16.54 21.16
N TYR D 233 35.98 17.07 21.87
CA TYR D 233 35.96 18.47 22.30
C TYR D 233 35.97 18.56 23.82
N LYS D 234 36.96 17.94 24.45
CA LYS D 234 37.06 17.78 25.90
C LYS D 234 36.58 18.98 26.73
N GLY D 235 37.13 20.17 26.47
CA GLY D 235 36.73 21.36 27.21
C GLY D 235 36.22 22.49 26.33
N LYS D 236 35.26 22.17 25.46
CA LYS D 236 34.73 23.12 24.48
C LYS D 236 33.20 23.11 24.41
N TYR D 237 32.55 22.70 25.50
CA TYR D 237 31.08 22.71 25.60
C TYR D 237 30.57 22.71 27.05
N ASP D 238 29.35 23.20 27.24
CA ASP D 238 28.72 23.29 28.56
C ASP D 238 27.69 22.18 28.81
N ASP D 239 28.00 21.29 29.76
CA ASP D 239 27.12 20.16 30.07
C ASP D 239 26.31 20.42 31.36
N ILE D 240 25.28 21.24 31.22
CA ILE D 240 24.62 21.84 32.38
C ILE D 240 23.33 21.17 32.85
N GLY D 241 22.80 20.23 32.07
CA GLY D 241 21.53 19.57 32.42
C GLY D 241 21.38 18.11 32.07
N THR D 242 20.81 17.34 33.00
CA THR D 242 20.49 15.92 32.79
C THR D 242 18.98 15.75 32.67
N SER D 243 18.53 15.33 31.48
CA SER D 243 17.11 15.10 31.20
C SER D 243 16.59 13.78 31.76
N MET D 244 17.36 12.70 31.56
CA MET D 244 16.85 11.35 31.76
C MET D 244 17.89 10.33 32.25
N THR D 245 17.43 9.46 33.15
CA THR D 245 18.24 8.39 33.71
C THR D 245 17.82 7.02 33.12
N GLY D 246 18.68 6.02 33.30
CA GLY D 246 18.42 4.64 32.89
C GLY D 246 17.94 4.45 31.45
N VAL D 247 18.73 4.92 30.49
CA VAL D 247 18.33 4.78 29.09
C VAL D 247 19.01 3.58 28.39
N LYS D 248 18.19 2.76 27.73
CA LYS D 248 18.68 1.54 27.06
C LYS D 248 18.83 1.68 25.53
N MET D 249 19.62 0.76 24.96
CA MET D 249 19.95 0.72 23.54
C MET D 249 20.60 -0.62 23.18
N GLY D 250 20.42 -1.05 21.94
CA GLY D 250 21.07 -2.25 21.45
C GLY D 250 20.30 -2.97 20.37
N LEU D 251 20.47 -4.28 20.32
CA LEU D 251 19.82 -5.11 19.32
C LEU D 251 18.47 -5.58 19.83
N VAL D 252 17.44 -5.24 19.09
CA VAL D 252 16.08 -5.48 19.52
C VAL D 252 15.38 -6.40 18.53
N VAL D 253 14.83 -7.50 19.03
CA VAL D 253 14.08 -8.44 18.18
C VAL D 253 12.61 -8.52 18.58
N PRO D 254 11.72 -8.77 17.60
CA PRO D 254 10.33 -8.92 17.95
C PRO D 254 10.15 -10.02 18.98
N GLN D 255 9.30 -9.77 19.97
CA GLN D 255 9.02 -10.74 21.01
C GLN D 255 8.65 -12.12 20.45
N TYR D 256 7.92 -12.14 19.34
CA TYR D 256 7.48 -13.37 18.67
C TYR D 256 8.60 -14.30 18.18
N MET D 257 9.84 -13.80 18.23
CA MET D 257 11.02 -14.62 17.98
C MET D 257 11.48 -15.21 19.31
N LYS D 258 10.56 -15.92 19.95
CA LYS D 258 10.75 -16.48 21.29
C LYS D 258 11.76 -17.63 21.30
N ASN D 259 12.97 -17.35 20.80
CA ASN D 259 14.07 -18.31 20.79
C ASN D 259 15.43 -17.63 20.83
N VAL D 260 15.44 -16.31 20.59
CA VAL D 260 16.68 -15.54 20.55
C VAL D 260 16.75 -14.58 21.74
N ASN D 261 17.44 -14.99 22.80
CA ASN D 261 17.47 -14.26 24.06
C ASN D 261 18.79 -13.54 24.34
N SER D 262 19.88 -14.11 23.86
CA SER D 262 21.18 -13.45 23.95
C SER D 262 21.66 -13.10 22.55
N ILE D 263 22.47 -12.04 22.46
CA ILE D 263 23.10 -11.65 21.20
C ILE D 263 23.81 -12.86 20.59
N GLU D 264 24.37 -13.71 21.46
CA GLU D 264 25.09 -14.91 21.05
C GLU D 264 24.28 -15.87 20.16
N ASP D 265 22.98 -15.99 20.44
CA ASP D 265 22.10 -16.91 19.72
C ASP D 265 21.85 -16.53 18.26
N LEU D 266 22.52 -15.48 17.78
CA LEU D 266 22.35 -15.05 16.39
C LEU D 266 23.01 -16.02 15.41
N LYS D 267 24.19 -16.51 15.77
CA LYS D 267 24.80 -17.59 15.01
C LYS D 267 24.46 -18.94 15.66
N LYS D 268 23.16 -19.23 15.72
CA LYS D 268 22.64 -20.45 16.32
C LYS D 268 21.46 -21.01 15.53
#